data_4TK1
#
_entry.id   4TK1
#
_cell.length_a   110.439
_cell.length_b   157.695
_cell.length_c   51.018
_cell.angle_alpha   90.00
_cell.angle_beta   90.00
_cell.angle_gamma   90.00
#
_symmetry.space_group_name_H-M   'P 21 21 2'
#
loop_
_entity.id
_entity.type
_entity.pdbx_description
1 polymer Gephyrin
2 polymer 'Gamma-aminobutyric acid receptor subunit alpha-3'
3 non-polymer GLYCEROL
4 non-polymer BETA-MERCAPTOETHANOL
5 water water
#
loop_
_entity_poly.entity_id
_entity_poly.type
_entity_poly.pdbx_seq_one_letter_code
_entity_poly.pdbx_strand_id
1 'polypeptide(L)'
;MSPFPLTSMDKAFITVLEMTPVLGTEIINYRDGMGRVLAQDVYAKDNLPPFPASVKDGYAVRAADGPGDRFIIGESQAGE
QPTQTVMPGQVMRVTTGAPIPCGADAVVQVEDTELIRESDDGTEELEVRILVQARPGQDIRPIGHDIKRGECVLAKGTHM
GPSEIGLLATVGVTEVEVNKFPVVAVMSTGNELLNPEDDLLPGKIRDSNRSTLLATIQEHGYPTINLGIVGDNPDDLLNA
LNEGISRADVIITSGGVSMGEKDYLKQVLDIDLHAQIHFGRVFMKPGLPTTFATLDIDGVRKIIFALPGNPVSAVVTCNL
FVVPALRKMQGILDPRPTIIKARLSCDVKLDPRPEYHRCILTWHHQEPLPWAQSTGNQMSSRLMSMRSANGLLMLPPKTE
QYVELHKGEVVDVMVIGRL
;
A,B
2 'polypeptide(L)' FNIVGTTYPIN C,D
#
loop_
_chem_comp.id
_chem_comp.type
_chem_comp.name
_chem_comp.formula
BME non-polymer BETA-MERCAPTOETHANOL 'C2 H6 O S'
GOL non-polymer GLYCEROL 'C3 H8 O3'
#
# COMPACT_ATOMS: atom_id res chain seq x y z
N PRO A 3 29.35 3.47 -27.92
CA PRO A 3 29.39 2.18 -27.22
C PRO A 3 28.09 1.38 -27.39
N PHE A 4 27.06 1.67 -26.57
CA PHE A 4 25.74 1.01 -26.65
C PHE A 4 24.75 2.01 -27.22
N PRO A 5 23.84 1.55 -28.11
CA PRO A 5 22.91 2.48 -28.72
C PRO A 5 21.91 3.07 -27.72
N LEU A 6 21.49 4.31 -27.97
CA LEU A 6 20.42 4.94 -27.21
C LEU A 6 19.13 4.20 -27.50
N THR A 7 18.46 3.75 -26.46
CA THR A 7 17.18 3.05 -26.62
C THR A 7 16.03 3.98 -26.27
N SER A 8 14.92 3.84 -27.00
CA SER A 8 13.75 4.64 -26.72
C SER A 8 13.16 4.12 -25.41
N MET A 9 12.67 5.04 -24.58
CA MET A 9 12.04 4.68 -23.32
C MET A 9 10.92 3.64 -23.50
N ASP A 10 10.11 3.79 -24.53
CA ASP A 10 9.11 2.77 -24.87
C ASP A 10 9.72 1.39 -25.02
N LYS A 11 10.82 1.32 -25.77
CA LYS A 11 11.47 0.05 -26.08
C LYS A 11 12.13 -0.56 -24.85
N ALA A 12 12.80 0.27 -24.05
CA ALA A 12 13.45 -0.22 -22.83
C ALA A 12 12.45 -0.92 -21.91
N PHE A 13 11.28 -0.31 -21.75
CA PHE A 13 10.25 -0.83 -20.89
C PHE A 13 9.63 -2.12 -21.44
N ILE A 14 9.35 -2.14 -22.74
CA ILE A 14 8.79 -3.33 -23.36
C ILE A 14 9.76 -4.50 -23.27
N THR A 15 11.02 -4.17 -23.53
CA THR A 15 12.11 -5.13 -23.49
C THR A 15 12.22 -5.74 -22.11
N VAL A 16 12.13 -4.90 -21.08
CA VAL A 16 12.20 -5.39 -19.69
C VAL A 16 11.08 -6.39 -19.37
N LEU A 17 9.85 -6.13 -19.81
CA LEU A 17 8.74 -7.05 -19.53
C LEU A 17 8.84 -8.35 -20.32
N GLU A 18 9.13 -8.27 -21.61
CA GLU A 18 9.29 -9.48 -22.44
C GLU A 18 10.38 -10.40 -21.93
N MET A 19 11.51 -9.79 -21.56
CA MET A 19 12.68 -10.56 -21.16
C MET A 19 12.59 -11.05 -19.73
N THR A 20 11.64 -10.51 -18.96
CA THR A 20 11.46 -10.90 -17.57
C THR A 20 10.61 -12.15 -17.51
N PRO A 21 11.08 -13.19 -16.80
CA PRO A 21 10.31 -14.42 -16.71
C PRO A 21 9.27 -14.38 -15.61
N VAL A 22 8.28 -15.24 -15.70
CA VAL A 22 7.38 -15.49 -14.59
C VAL A 22 8.00 -16.58 -13.73
N LEU A 23 8.06 -16.39 -12.42
CA LEU A 23 8.59 -17.42 -11.53
C LEU A 23 7.63 -18.55 -11.45
N GLY A 24 8.12 -19.69 -10.95
CA GLY A 24 7.30 -20.87 -10.76
C GLY A 24 6.49 -20.72 -9.49
N THR A 25 5.93 -21.82 -9.02
CA THR A 25 4.96 -21.80 -7.93
C THR A 25 5.40 -22.58 -6.70
N GLU A 26 4.65 -22.43 -5.62
CA GLU A 26 4.93 -23.13 -4.38
C GLU A 26 3.66 -23.15 -3.52
N ILE A 27 3.62 -24.03 -2.53
CA ILE A 27 2.44 -24.16 -1.67
C ILE A 27 2.65 -23.41 -0.36
N ILE A 28 1.68 -22.54 -0.03
CA ILE A 28 1.76 -21.68 1.16
C ILE A 28 0.51 -21.78 2.00
N ASN A 29 0.62 -21.37 3.26
CA ASN A 29 -0.53 -21.26 4.14
C ASN A 29 -1.32 -19.99 3.85
N TYR A 30 -2.65 -20.08 3.86
CA TYR A 30 -3.51 -18.93 3.52
C TYR A 30 -3.09 -17.63 4.24
N ARG A 31 -2.72 -17.74 5.51
CA ARG A 31 -2.33 -16.55 6.26
C ARG A 31 -1.12 -15.83 5.66
N ASP A 32 -0.38 -16.47 4.73
CA ASP A 32 0.75 -15.83 4.04
C ASP A 32 0.39 -15.39 2.60
N GLY A 33 -0.90 -15.40 2.26
CA GLY A 33 -1.34 -15.11 0.91
C GLY A 33 -1.27 -13.66 0.49
N MET A 34 -1.05 -12.74 1.42
CA MET A 34 -1.05 -11.33 1.11
C MET A 34 -0.14 -10.99 -0.09
N GLY A 35 -0.71 -10.47 -1.15
CA GLY A 35 0.06 -10.06 -2.32
C GLY A 35 0.39 -11.19 -3.29
N ARG A 36 0.15 -12.45 -2.91
CA ARG A 36 0.47 -13.60 -3.75
C ARG A 36 -0.57 -13.77 -4.84
N VAL A 37 -0.17 -14.25 -6.01
CA VAL A 37 -1.11 -14.56 -7.07
C VAL A 37 -1.40 -16.05 -7.05
N LEU A 38 -2.69 -16.42 -7.14
CA LEU A 38 -3.09 -17.81 -7.11
C LEU A 38 -2.68 -18.50 -8.39
N ALA A 39 -2.03 -19.64 -8.27
CA ALA A 39 -1.71 -20.49 -9.42
C ALA A 39 -2.76 -21.57 -9.72
N GLN A 40 -3.88 -21.54 -9.00
CA GLN A 40 -4.94 -22.55 -9.15
C GLN A 40 -6.30 -21.87 -9.05
N ASP A 41 -7.33 -22.54 -9.55
CA ASP A 41 -8.68 -22.20 -9.13
C ASP A 41 -8.90 -22.73 -7.71
N VAL A 42 -9.79 -22.09 -6.96
CA VAL A 42 -10.18 -22.56 -5.63
C VAL A 42 -11.66 -22.83 -5.63
N TYR A 43 -12.02 -24.02 -5.21
CA TYR A 43 -13.39 -24.48 -5.22
C TYR A 43 -13.92 -24.51 -3.79
N ALA A 44 -15.20 -24.16 -3.64
CA ALA A 44 -15.85 -24.21 -2.33
C ALA A 44 -16.40 -25.61 -2.10
N LYS A 45 -16.13 -26.22 -0.95
CA LYS A 45 -16.64 -27.58 -0.68
C LYS A 45 -17.86 -27.62 0.26
N ASP A 46 -18.29 -26.47 0.76
CA ASP A 46 -19.58 -26.35 1.47
C ASP A 46 -20.36 -25.14 0.96
N ASN A 47 -21.67 -25.16 1.21
CA ASN A 47 -22.51 -24.00 1.04
C ASN A 47 -22.27 -22.96 2.13
N LEU A 48 -22.45 -21.69 1.78
CA LEU A 48 -22.49 -20.60 2.75
C LEU A 48 -23.74 -19.75 2.46
N PRO A 49 -24.60 -19.58 3.47
CA PRO A 49 -24.52 -20.31 4.72
C PRO A 49 -24.86 -21.78 4.49
N PRO A 50 -24.35 -22.67 5.34
CA PRO A 50 -24.69 -24.09 5.24
C PRO A 50 -26.14 -24.39 5.64
N PHE A 51 -26.73 -23.50 6.41
CA PHE A 51 -28.10 -23.62 6.89
C PHE A 51 -28.82 -22.33 6.55
N PRO A 52 -30.15 -22.37 6.40
CA PRO A 52 -30.83 -21.10 6.23
C PRO A 52 -30.60 -20.20 7.44
N ALA A 53 -30.22 -18.95 7.19
CA ALA A 53 -29.81 -18.03 8.27
C ALA A 53 -30.61 -16.74 8.26
N SER A 54 -30.96 -16.28 9.45
CA SER A 54 -31.75 -15.06 9.58
C SER A 54 -30.89 -13.85 9.27
N VAL A 55 -31.48 -12.86 8.64
CA VAL A 55 -30.80 -11.60 8.43
C VAL A 55 -30.92 -10.75 9.69
N LYS A 56 -32.12 -10.70 10.26
CA LYS A 56 -32.42 -9.80 11.37
C LYS A 56 -32.40 -10.47 12.73
N ASP A 57 -32.35 -9.64 13.77
CA ASP A 57 -32.65 -10.08 15.10
C ASP A 57 -34.16 -9.97 15.18
N GLY A 58 -34.85 -11.06 15.50
CA GLY A 58 -36.31 -11.05 15.47
C GLY A 58 -36.96 -12.41 15.68
N TYR A 59 -37.97 -12.72 14.88
CA TYR A 59 -38.73 -13.97 15.01
C TYR A 59 -38.92 -14.70 13.70
N ALA A 60 -38.67 -16.01 13.73
CA ALA A 60 -38.96 -16.87 12.58
C ALA A 60 -40.41 -17.28 12.64
N VAL A 61 -41.14 -17.09 11.54
CA VAL A 61 -42.59 -17.23 11.53
C VAL A 61 -43.01 -18.04 10.30
N ARG A 62 -44.26 -18.48 10.31
CA ARG A 62 -44.92 -18.98 9.10
C ARG A 62 -45.61 -17.81 8.42
N ALA A 63 -45.44 -17.71 7.10
CA ALA A 63 -46.05 -16.63 6.31
C ALA A 63 -47.53 -16.86 6.01
N ALA A 64 -48.05 -18.06 6.32
CA ALA A 64 -49.49 -18.36 6.18
C ALA A 64 -50.30 -17.81 7.36
N ASP A 65 -49.75 -17.96 8.55
CA ASP A 65 -50.30 -17.34 9.77
C ASP A 65 -50.64 -15.82 9.67
N GLY A 66 -49.89 -15.08 8.87
CA GLY A 66 -50.08 -13.61 8.74
C GLY A 66 -49.88 -12.88 10.06
N PRO A 67 -50.41 -11.65 10.18
CA PRO A 67 -50.21 -10.94 11.44
C PRO A 67 -51.08 -11.51 12.54
N GLY A 68 -50.59 -11.50 13.77
CA GLY A 68 -51.36 -12.01 14.91
C GLY A 68 -50.56 -12.33 16.17
N ASP A 69 -51.23 -12.96 17.12
CA ASP A 69 -50.64 -13.36 18.40
C ASP A 69 -50.06 -14.75 18.27
N ARG A 70 -48.85 -14.94 18.77
CA ARG A 70 -48.14 -16.20 18.58
C ARG A 70 -47.47 -16.65 19.87
N PHE A 71 -47.33 -17.96 20.02
CA PHE A 71 -46.56 -18.54 21.11
C PHE A 71 -45.07 -18.59 20.72
N ILE A 72 -44.18 -18.21 21.65
CA ILE A 72 -42.74 -18.34 21.45
C ILE A 72 -42.30 -19.67 22.05
N ILE A 73 -41.91 -20.60 21.19
CA ILE A 73 -41.50 -21.92 21.66
C ILE A 73 -40.07 -21.95 22.20
N GLY A 74 -39.19 -21.12 21.64
CA GLY A 74 -37.82 -21.00 22.14
C GLY A 74 -36.96 -20.05 21.33
N GLU A 75 -35.66 -20.08 21.58
CA GLU A 75 -34.71 -19.29 20.80
C GLU A 75 -33.86 -20.24 19.98
N SER A 76 -33.48 -19.81 18.78
CA SER A 76 -32.50 -20.54 17.96
C SER A 76 -31.12 -20.10 18.36
N GLN A 77 -30.39 -21.01 18.99
CA GLN A 77 -29.04 -20.71 19.48
C GLN A 77 -28.02 -20.61 18.33
N ALA A 78 -27.01 -19.78 18.52
CA ALA A 78 -25.93 -19.66 17.56
C ALA A 78 -25.07 -20.90 17.67
N GLY A 79 -24.80 -21.53 16.53
CA GLY A 79 -23.92 -22.69 16.50
C GLY A 79 -24.56 -24.00 16.88
N GLU A 80 -25.88 -24.03 17.02
CA GLU A 80 -26.61 -25.28 17.14
C GLU A 80 -27.58 -25.47 15.97
N GLN A 81 -27.78 -26.73 15.61
CA GLN A 81 -28.91 -27.16 14.80
C GLN A 81 -30.19 -27.02 15.62
N PRO A 82 -31.21 -26.32 15.09
CA PRO A 82 -32.47 -26.15 15.84
C PRO A 82 -33.23 -27.47 16.02
N THR A 83 -33.61 -27.78 17.27
CA THR A 83 -34.26 -29.05 17.63
C THR A 83 -35.80 -29.03 17.59
N GLN A 84 -36.40 -27.85 17.74
CA GLN A 84 -37.85 -27.69 17.65
C GLN A 84 -38.28 -27.41 16.21
N THR A 85 -39.59 -27.42 15.99
CA THR A 85 -40.17 -27.14 14.68
C THR A 85 -41.41 -26.25 14.87
N VAL A 86 -41.67 -25.34 13.93
CA VAL A 86 -42.75 -24.34 14.12
C VAL A 86 -44.09 -24.71 13.48
N MET A 87 -45.08 -24.89 14.33
CA MET A 87 -46.45 -25.19 13.92
C MET A 87 -47.24 -23.88 13.80
N PRO A 88 -48.35 -23.90 13.05
CA PRO A 88 -49.15 -22.68 12.95
C PRO A 88 -49.47 -22.08 14.33
N GLY A 89 -49.39 -20.76 14.40
CA GLY A 89 -49.61 -20.04 15.64
C GLY A 89 -48.37 -20.00 16.53
N GLN A 90 -47.22 -20.33 15.95
CA GLN A 90 -45.95 -20.33 16.70
C GLN A 90 -44.86 -19.55 16.01
N VAL A 91 -43.89 -19.14 16.83
CA VAL A 91 -42.67 -18.50 16.38
C VAL A 91 -41.51 -18.95 17.25
N MET A 92 -40.30 -18.75 16.76
CA MET A 92 -39.09 -18.96 17.55
C MET A 92 -38.28 -17.68 17.48
N ARG A 93 -37.73 -17.25 18.61
CA ARG A 93 -36.86 -16.08 18.59
C ARG A 93 -35.61 -16.41 17.81
N VAL A 94 -35.15 -15.45 17.01
CA VAL A 94 -33.90 -15.57 16.27
C VAL A 94 -33.00 -14.35 16.51
N THR A 95 -31.69 -14.56 16.41
CA THR A 95 -30.75 -13.45 16.28
C THR A 95 -30.17 -13.53 14.88
N THR A 96 -29.39 -12.53 14.51
CA THR A 96 -28.88 -12.42 13.12
C THR A 96 -28.08 -13.62 12.58
N GLY A 97 -27.13 -14.19 13.32
CA GLY A 97 -26.36 -15.34 12.75
C GLY A 97 -27.12 -16.65 12.59
N ALA A 98 -28.30 -16.69 13.19
CA ALA A 98 -28.90 -17.96 13.61
C ALA A 98 -29.64 -18.72 12.52
N PRO A 99 -29.68 -20.06 12.64
CA PRO A 99 -30.45 -20.86 11.68
C PRO A 99 -31.95 -20.70 11.83
N ILE A 100 -32.67 -20.97 10.75
CA ILE A 100 -34.12 -20.96 10.76
C ILE A 100 -34.57 -22.37 11.12
N PRO A 101 -35.57 -22.50 12.02
CA PRO A 101 -36.09 -23.83 12.31
C PRO A 101 -37.01 -24.32 11.21
N CYS A 102 -37.16 -25.63 11.10
CA CYS A 102 -38.10 -26.19 10.12
C CYS A 102 -39.51 -25.77 10.50
N GLY A 103 -40.25 -25.35 9.50
CA GLY A 103 -41.64 -24.92 9.68
C GLY A 103 -41.80 -23.45 9.38
N ALA A 104 -40.73 -22.68 9.59
CA ALA A 104 -40.73 -21.25 9.32
C ALA A 104 -40.25 -21.02 7.91
N ASP A 105 -40.84 -20.03 7.25
CA ASP A 105 -40.42 -19.65 5.90
C ASP A 105 -40.03 -18.18 5.80
N ALA A 106 -40.12 -17.44 6.90
CA ALA A 106 -39.81 -16.01 6.91
C ALA A 106 -39.38 -15.53 8.30
N VAL A 107 -38.75 -14.36 8.31
CA VAL A 107 -38.28 -13.75 9.55
C VAL A 107 -38.86 -12.33 9.65
N VAL A 108 -39.24 -11.94 10.86
CA VAL A 108 -39.76 -10.60 11.15
C VAL A 108 -38.90 -9.95 12.24
N GLN A 109 -38.48 -8.71 12.01
CA GLN A 109 -37.67 -7.91 12.95
C GLN A 109 -38.37 -7.72 14.29
N VAL A 110 -37.58 -7.42 15.32
CA VAL A 110 -38.15 -7.10 16.64
C VAL A 110 -39.01 -5.86 16.50
N GLU A 111 -38.55 -4.91 15.68
CA GLU A 111 -39.20 -3.59 15.58
C GLU A 111 -40.56 -3.62 14.86
N ASP A 112 -40.84 -4.69 14.12
CA ASP A 112 -42.19 -4.95 13.60
C ASP A 112 -42.94 -5.96 14.47
N THR A 113 -42.73 -5.92 15.79
CA THR A 113 -43.48 -6.74 16.76
C THR A 113 -43.68 -5.99 18.07
N GLU A 114 -44.46 -6.59 18.97
CA GLU A 114 -44.66 -6.03 20.30
C GLU A 114 -44.97 -7.18 21.27
N LEU A 115 -44.19 -7.30 22.35
CA LEU A 115 -44.40 -8.36 23.36
C LEU A 115 -45.80 -8.30 23.98
N ILE A 116 -46.40 -9.48 24.20
CA ILE A 116 -47.71 -9.58 24.86
C ILE A 116 -47.55 -10.09 26.30
N ARG A 117 -46.91 -11.24 26.44
CA ARG A 117 -46.78 -11.92 27.73
C ARG A 117 -45.32 -12.29 28.03
N GLU A 118 -44.99 -12.36 29.31
CA GLU A 118 -43.72 -12.89 29.76
C GLU A 118 -44.02 -13.78 30.93
N SER A 119 -43.21 -14.81 31.14
CA SER A 119 -43.44 -15.74 32.22
C SER A 119 -43.36 -15.09 33.59
N ASP A 120 -42.34 -14.26 33.74
CA ASP A 120 -41.88 -13.60 34.97
C ASP A 120 -41.58 -14.57 36.08
N ASP A 121 -41.08 -15.74 35.69
CA ASP A 121 -40.56 -16.70 36.63
C ASP A 121 -39.23 -16.89 35.95
N GLY A 122 -38.39 -15.88 36.10
CA GLY A 122 -37.20 -15.73 35.28
C GLY A 122 -37.45 -14.87 34.07
N THR A 123 -38.69 -14.44 33.88
CA THR A 123 -38.98 -13.47 32.84
C THR A 123 -38.40 -13.84 31.49
N GLU A 124 -38.69 -15.07 31.05
CA GLU A 124 -38.58 -15.40 29.65
C GLU A 124 -39.87 -14.92 28.99
N GLU A 125 -39.82 -14.66 27.69
CA GLU A 125 -40.98 -14.32 26.90
C GLU A 125 -41.84 -15.53 26.63
N LEU A 126 -43.15 -15.37 26.72
CA LEU A 126 -44.08 -16.42 26.33
C LEU A 126 -44.79 -16.15 24.99
N GLU A 127 -45.25 -14.91 24.79
CA GLU A 127 -46.11 -14.57 23.66
C GLU A 127 -45.68 -13.30 22.92
N VAL A 128 -45.91 -13.26 21.61
CA VAL A 128 -45.58 -12.09 20.79
C VAL A 128 -46.72 -11.74 19.85
N ARG A 129 -47.05 -10.45 19.78
CA ARG A 129 -47.91 -9.93 18.74
C ARG A 129 -47.00 -9.61 17.58
N ILE A 130 -47.35 -10.14 16.41
CA ILE A 130 -46.56 -9.97 15.23
C ILE A 130 -47.33 -9.03 14.35
N LEU A 131 -46.84 -7.82 14.26
CA LEU A 131 -47.45 -6.84 13.38
C LEU A 131 -46.97 -7.35 12.07
N VAL A 132 -47.57 -6.93 10.98
CA VAL A 132 -46.98 -7.14 9.66
C VAL A 132 -47.20 -8.52 9.07
N GLN A 133 -47.11 -8.61 7.76
CA GLN A 133 -47.18 -9.86 7.06
C GLN A 133 -45.88 -9.91 6.27
N ALA A 134 -45.29 -11.08 6.15
CA ALA A 134 -44.00 -11.20 5.53
C ALA A 134 -44.09 -12.09 4.33
N ARG A 135 -43.54 -11.67 3.20
CA ARG A 135 -43.53 -12.53 2.04
C ARG A 135 -42.61 -13.68 2.34
N PRO A 136 -42.94 -14.88 1.92
CA PRO A 136 -42.06 -16.04 2.12
C PRO A 136 -40.63 -15.84 1.58
N GLY A 137 -39.64 -16.17 2.41
CA GLY A 137 -38.24 -15.93 2.10
C GLY A 137 -37.69 -14.65 2.74
N GLN A 138 -38.59 -13.83 3.27
CA GLN A 138 -38.24 -12.48 3.74
C GLN A 138 -37.30 -12.48 4.94
N ASP A 139 -36.15 -11.84 4.76
CA ASP A 139 -35.07 -11.72 5.77
C ASP A 139 -34.45 -13.08 6.18
N ILE A 140 -34.16 -13.90 5.16
CA ILE A 140 -33.48 -15.18 5.32
C ILE A 140 -32.45 -15.32 4.22
N ARG A 141 -31.24 -15.76 4.59
CA ARG A 141 -30.23 -16.22 3.61
C ARG A 141 -30.39 -17.73 3.48
N PRO A 142 -31.02 -18.19 2.37
CA PRO A 142 -31.13 -19.63 2.18
C PRO A 142 -29.76 -20.29 2.06
N ILE A 143 -29.72 -21.61 2.22
CA ILE A 143 -28.49 -22.35 2.02
C ILE A 143 -27.85 -21.99 0.67
N GLY A 144 -26.56 -21.69 0.70
CA GLY A 144 -25.82 -21.37 -0.51
C GLY A 144 -26.13 -20.02 -1.11
N HIS A 145 -26.74 -19.14 -0.33
CA HIS A 145 -27.04 -17.78 -0.79
C HIS A 145 -25.78 -17.06 -1.22
N ASP A 146 -24.80 -17.00 -0.32
CA ASP A 146 -23.53 -16.33 -0.58
C ASP A 146 -22.58 -17.18 -1.41
N ILE A 147 -22.36 -18.43 -0.98
CA ILE A 147 -21.48 -19.37 -1.70
C ILE A 147 -22.16 -20.71 -1.93
N LYS A 148 -22.21 -21.15 -3.18
CA LYS A 148 -22.82 -22.44 -3.54
C LYS A 148 -21.77 -23.53 -3.54
N ARG A 149 -22.10 -24.70 -2.99
CA ARG A 149 -21.13 -25.80 -2.90
C ARG A 149 -20.53 -26.14 -4.26
N GLY A 150 -19.22 -26.38 -4.27
CA GLY A 150 -18.52 -26.82 -5.46
C GLY A 150 -18.14 -25.75 -6.45
N GLU A 151 -18.58 -24.51 -6.24
CA GLU A 151 -18.32 -23.45 -7.22
C GLU A 151 -16.93 -22.82 -7.00
N CYS A 152 -16.37 -22.34 -8.11
CA CYS A 152 -15.08 -21.66 -8.10
C CYS A 152 -15.21 -20.33 -7.40
N VAL A 153 -14.67 -20.21 -6.18
CA VAL A 153 -14.75 -18.95 -5.44
C VAL A 153 -13.65 -17.98 -5.81
N LEU A 154 -12.45 -18.51 -6.09
CA LEU A 154 -11.33 -17.68 -6.58
C LEU A 154 -10.67 -18.34 -7.79
N ALA A 155 -10.39 -17.56 -8.82
CA ALA A 155 -9.81 -18.09 -10.06
C ALA A 155 -8.29 -17.93 -10.09
N LYS A 156 -7.65 -18.75 -10.91
CA LYS A 156 -6.22 -18.67 -11.20
C LYS A 156 -5.89 -17.28 -11.70
N GLY A 157 -4.74 -16.77 -11.28
CA GLY A 157 -4.32 -15.41 -11.65
C GLY A 157 -4.76 -14.33 -10.68
N THR A 158 -5.59 -14.68 -9.70
CA THR A 158 -6.11 -13.70 -8.76
C THR A 158 -5.02 -13.21 -7.82
N HIS A 159 -4.93 -11.90 -7.69
CA HIS A 159 -3.92 -11.24 -6.86
C HIS A 159 -4.57 -10.90 -5.53
N MET A 160 -4.16 -11.61 -4.49
CA MET A 160 -4.93 -11.66 -3.26
C MET A 160 -4.68 -10.49 -2.31
N GLY A 161 -5.75 -10.07 -1.65
CA GLY A 161 -5.70 -9.12 -0.55
C GLY A 161 -6.46 -9.70 0.63
N PRO A 162 -6.68 -8.87 1.68
CA PRO A 162 -7.28 -9.41 2.89
C PRO A 162 -8.62 -10.11 2.68
N SER A 163 -9.43 -9.65 1.75
CA SER A 163 -10.74 -10.28 1.53
C SER A 163 -10.56 -11.67 0.94
N GLU A 164 -9.66 -11.77 -0.03
CA GLU A 164 -9.35 -13.04 -0.65
C GLU A 164 -8.87 -14.06 0.41
N ILE A 165 -7.99 -13.65 1.30
CA ILE A 165 -7.55 -14.52 2.39
C ILE A 165 -8.74 -14.94 3.24
N GLY A 166 -9.62 -14.00 3.55
CA GLY A 166 -10.86 -14.31 4.25
C GLY A 166 -11.69 -15.33 3.50
N LEU A 167 -11.70 -15.23 2.17
CA LEU A 167 -12.45 -16.19 1.37
C LEU A 167 -11.87 -17.61 1.47
N LEU A 168 -10.56 -17.72 1.44
CA LEU A 168 -9.88 -18.99 1.62
C LEU A 168 -10.23 -19.55 2.98
N ALA A 169 -10.14 -18.73 4.01
CA ALA A 169 -10.55 -19.12 5.35
C ALA A 169 -11.99 -19.63 5.38
N THR A 170 -12.87 -18.91 4.70
CA THR A 170 -14.29 -19.24 4.69
C THR A 170 -14.57 -20.61 4.10
N VAL A 171 -13.90 -20.94 2.99
CA VAL A 171 -14.18 -22.19 2.27
C VAL A 171 -13.30 -23.36 2.73
N GLY A 172 -12.45 -23.13 3.73
CA GLY A 172 -11.63 -24.18 4.33
C GLY A 172 -10.31 -24.49 3.63
N VAL A 173 -9.96 -23.71 2.61
CA VAL A 173 -8.79 -24.00 1.79
C VAL A 173 -7.55 -23.28 2.36
N THR A 174 -6.91 -23.93 3.32
CA THR A 174 -5.84 -23.31 4.10
C THR A 174 -4.44 -23.46 3.50
N GLU A 175 -4.33 -24.24 2.43
CA GLU A 175 -3.07 -24.44 1.72
C GLU A 175 -3.36 -24.13 0.26
N VAL A 176 -2.51 -23.36 -0.39
CA VAL A 176 -2.81 -22.92 -1.73
C VAL A 176 -1.54 -22.69 -2.56
N GLU A 177 -1.64 -22.95 -3.84
CA GLU A 177 -0.51 -22.86 -4.72
C GLU A 177 -0.48 -21.49 -5.34
N VAL A 178 0.64 -20.81 -5.16
CA VAL A 178 0.81 -19.45 -5.63
C VAL A 178 2.14 -19.35 -6.31
N ASN A 179 2.29 -18.33 -7.15
CA ASN A 179 3.58 -18.00 -7.72
C ASN A 179 4.53 -17.59 -6.63
N LYS A 180 5.81 -17.87 -6.84
CA LYS A 180 6.86 -17.43 -5.94
C LYS A 180 7.06 -15.92 -5.98
N PHE A 181 7.70 -15.40 -4.94
CA PHE A 181 8.08 -14.01 -4.85
C PHE A 181 9.53 -13.91 -5.28
N PRO A 182 9.87 -12.90 -6.08
CA PRO A 182 11.29 -12.73 -6.40
C PRO A 182 12.13 -12.34 -5.18
N VAL A 183 13.21 -13.08 -4.97
CA VAL A 183 14.26 -12.68 -4.02
C VAL A 183 15.18 -11.69 -4.75
N VAL A 184 15.35 -10.51 -4.15
CA VAL A 184 16.02 -9.39 -4.83
C VAL A 184 17.27 -8.90 -4.10
N ALA A 185 18.43 -9.03 -4.75
CA ALA A 185 19.70 -8.69 -4.12
C ALA A 185 20.16 -7.35 -4.59
N VAL A 186 20.64 -6.53 -3.66
CA VAL A 186 21.04 -5.18 -3.99
C VAL A 186 22.46 -4.86 -3.52
N MET A 187 23.22 -4.21 -4.42
CA MET A 187 24.57 -3.76 -4.12
C MET A 187 24.79 -2.35 -4.62
N SER A 188 25.77 -1.69 -4.03
CA SER A 188 26.25 -0.41 -4.50
C SER A 188 27.68 -0.59 -4.95
N THR A 189 28.03 -0.01 -6.10
CA THR A 189 29.43 -0.02 -6.58
C THR A 189 29.93 1.43 -6.67
N GLY A 190 31.21 1.61 -6.38
CA GLY A 190 31.82 2.93 -6.32
C GLY A 190 32.94 2.96 -5.31
N ASN A 191 34.09 3.48 -5.70
CA ASN A 191 35.21 3.68 -4.75
C ASN A 191 35.05 4.96 -3.92
N GLU A 192 34.03 5.76 -4.24
CA GLU A 192 33.68 6.96 -3.48
C GLU A 192 32.71 6.68 -2.35
N LEU A 193 32.15 5.48 -2.28
CA LEU A 193 31.08 5.19 -1.33
C LEU A 193 31.61 4.71 0.01
N LEU A 194 31.08 5.29 1.08
CA LEU A 194 31.21 4.75 2.44
C LEU A 194 29.84 4.36 2.97
N ASN A 195 29.80 3.44 3.91
CA ASN A 195 28.57 3.09 4.58
C ASN A 195 27.98 4.29 5.31
N PRO A 196 26.64 4.34 5.42
CA PRO A 196 25.93 5.39 6.14
C PRO A 196 26.48 5.66 7.55
N GLU A 197 26.98 4.60 8.18
CA GLU A 197 27.43 4.66 9.58
C GLU A 197 28.78 5.34 9.72
N ASP A 198 29.56 5.39 8.63
CA ASP A 198 30.91 5.97 8.62
C ASP A 198 30.87 7.49 8.58
N ASP A 199 31.89 8.14 9.12
CA ASP A 199 32.10 9.58 8.94
C ASP A 199 32.72 9.84 7.59
N LEU A 200 32.42 10.98 6.98
CA LEU A 200 32.93 11.28 5.66
C LEU A 200 34.43 11.40 5.67
N LEU A 201 35.02 11.08 4.54
CA LEU A 201 36.45 11.21 4.32
C LEU A 201 36.61 11.99 3.02
N PRO A 202 37.82 12.53 2.77
CA PRO A 202 38.09 13.29 1.55
C PRO A 202 37.61 12.59 0.29
N GLY A 203 36.83 13.31 -0.52
CA GLY A 203 36.42 12.81 -1.84
C GLY A 203 35.33 11.75 -1.82
N LYS A 204 34.82 11.43 -0.63
CA LYS A 204 33.91 10.31 -0.46
C LYS A 204 32.55 10.78 0.06
N ILE A 205 31.50 9.99 -0.23
CA ILE A 205 30.13 10.23 0.22
C ILE A 205 29.53 8.93 0.75
N ARG A 206 28.40 9.04 1.43
CA ARG A 206 27.74 7.87 2.00
C ARG A 206 26.91 7.18 0.94
N ASP A 207 26.85 5.86 1.02
CA ASP A 207 26.03 5.05 0.12
C ASP A 207 24.55 5.11 0.52
N SER A 208 23.76 5.86 -0.25
CA SER A 208 22.33 6.05 0.02
C SER A 208 21.38 5.14 -0.79
N ASN A 209 21.82 4.75 -1.99
CA ASN A 209 20.98 4.02 -2.92
C ASN A 209 20.63 2.63 -2.42
N ARG A 210 21.56 2.00 -1.72
CA ARG A 210 21.37 0.64 -1.26
C ARG A 210 20.14 0.61 -0.34
N SER A 211 20.09 1.55 0.61
CA SER A 211 18.99 1.62 1.59
C SER A 211 17.69 1.98 0.91
N THR A 212 17.76 2.87 -0.06
CA THR A 212 16.57 3.37 -0.75
C THR A 212 15.93 2.27 -1.59
N LEU A 213 16.77 1.49 -2.27
CA LEU A 213 16.30 0.44 -3.16
C LEU A 213 15.73 -0.72 -2.34
N LEU A 214 16.48 -1.16 -1.36
CA LEU A 214 16.01 -2.23 -0.47
C LEU A 214 14.70 -1.85 0.20
N ALA A 215 14.54 -0.58 0.58
CA ALA A 215 13.28 -0.13 1.19
C ALA A 215 12.13 -0.12 0.17
N THR A 216 12.44 0.25 -1.06
CA THR A 216 11.47 0.31 -2.11
C THR A 216 10.96 -1.11 -2.39
N ILE A 217 11.87 -2.04 -2.60
CA ILE A 217 11.44 -3.38 -2.89
C ILE A 217 10.71 -3.98 -1.69
N GLN A 218 11.22 -3.71 -0.49
CA GLN A 218 10.51 -4.08 0.72
C GLN A 218 9.07 -3.57 0.78
N GLU A 219 8.83 -2.34 0.33
CA GLU A 219 7.48 -1.80 0.35
C GLU A 219 6.49 -2.72 -0.38
N HIS A 220 6.92 -3.32 -1.49
CA HIS A 220 6.10 -4.25 -2.24
C HIS A 220 6.08 -5.64 -1.61
N GLY A 221 6.90 -5.85 -0.59
CA GLY A 221 6.83 -7.07 0.20
C GLY A 221 7.61 -8.25 -0.33
N TYR A 222 8.56 -8.01 -1.23
CA TYR A 222 9.43 -9.10 -1.70
C TYR A 222 10.63 -9.17 -0.78
N PRO A 223 11.18 -10.38 -0.57
CA PRO A 223 12.37 -10.55 0.27
C PRO A 223 13.61 -10.02 -0.44
N THR A 224 14.53 -9.43 0.33
CA THR A 224 15.72 -8.81 -0.23
C THR A 224 16.99 -9.28 0.41
N ILE A 225 18.11 -9.02 -0.29
CA ILE A 225 19.42 -9.45 0.16
C ILE A 225 20.43 -8.33 -0.01
N ASN A 226 21.06 -7.93 1.08
CA ASN A 226 22.00 -6.81 1.06
C ASN A 226 23.43 -7.28 0.84
N LEU A 227 23.97 -7.06 -0.35
CA LEU A 227 25.34 -7.47 -0.68
C LEU A 227 26.35 -6.40 -0.31
N GLY A 228 25.86 -5.21 0.06
CA GLY A 228 26.71 -4.13 0.53
C GLY A 228 27.43 -3.37 -0.58
N ILE A 229 28.45 -2.63 -0.18
CA ILE A 229 29.26 -1.84 -1.09
C ILE A 229 30.25 -2.78 -1.79
N VAL A 230 30.49 -2.57 -3.07
CA VAL A 230 31.42 -3.39 -3.85
C VAL A 230 32.37 -2.49 -4.61
N GLY A 231 33.65 -2.85 -4.63
CA GLY A 231 34.68 -2.03 -5.29
C GLY A 231 34.53 -2.06 -6.80
N ASP A 232 34.79 -0.92 -7.45
CA ASP A 232 34.60 -0.77 -8.90
C ASP A 232 35.74 -1.42 -9.67
N ASN A 233 35.70 -2.75 -9.80
CA ASN A 233 36.76 -3.52 -10.48
C ASN A 233 36.32 -4.96 -10.76
N PRO A 234 36.86 -5.59 -11.82
CA PRO A 234 36.39 -6.90 -12.24
C PRO A 234 36.32 -7.97 -11.11
N ASP A 235 37.38 -8.12 -10.33
CA ASP A 235 37.43 -9.14 -9.27
C ASP A 235 36.25 -8.97 -8.31
N ASP A 236 36.16 -7.80 -7.71
CA ASP A 236 35.13 -7.53 -6.71
C ASP A 236 33.70 -7.58 -7.26
N LEU A 237 33.52 -7.26 -8.54
CA LEU A 237 32.19 -7.29 -9.15
C LEU A 237 31.76 -8.73 -9.40
N LEU A 238 32.66 -9.51 -10.00
CA LEU A 238 32.36 -10.88 -10.33
C LEU A 238 31.98 -11.69 -9.08
N ASN A 239 32.62 -11.41 -7.94
CA ASN A 239 32.27 -12.07 -6.68
C ASN A 239 30.86 -11.74 -6.19
N ALA A 240 30.55 -10.45 -6.11
CA ALA A 240 29.23 -10.01 -5.67
C ALA A 240 28.15 -10.48 -6.62
N LEU A 241 28.38 -10.38 -7.93
CA LEU A 241 27.37 -10.81 -8.89
C LEU A 241 27.10 -12.30 -8.73
N ASN A 242 28.18 -13.09 -8.65
CA ASN A 242 28.05 -14.52 -8.43
C ASN A 242 27.28 -14.82 -7.15
N GLU A 243 27.58 -14.10 -6.07
CA GLU A 243 26.88 -14.31 -4.81
C GLU A 243 25.42 -13.91 -4.96
N GLY A 244 25.17 -12.77 -5.59
CA GLY A 244 23.81 -12.33 -5.92
C GLY A 244 23.09 -13.36 -6.75
N ILE A 245 23.74 -13.86 -7.79
CA ILE A 245 23.16 -14.87 -8.68
C ILE A 245 22.79 -16.20 -7.99
N SER A 246 23.64 -16.68 -7.09
CA SER A 246 23.35 -17.94 -6.41
C SER A 246 22.27 -17.78 -5.33
N ARG A 247 22.10 -16.58 -4.80
CA ARG A 247 21.12 -16.33 -3.73
C ARG A 247 19.78 -15.68 -4.15
N ALA A 248 19.71 -15.12 -5.37
CA ALA A 248 18.60 -14.25 -5.74
C ALA A 248 18.12 -14.45 -7.18
N ASP A 249 16.90 -13.98 -7.45
CA ASP A 249 16.33 -14.01 -8.81
C ASP A 249 16.62 -12.72 -9.56
N VAL A 250 16.74 -11.64 -8.80
CA VAL A 250 17.06 -10.35 -9.36
C VAL A 250 18.28 -9.82 -8.65
N ILE A 251 19.21 -9.26 -9.42
CA ILE A 251 20.37 -8.60 -8.86
C ILE A 251 20.33 -7.17 -9.34
N ILE A 252 20.34 -6.24 -8.39
CA ILE A 252 20.32 -4.83 -8.72
C ILE A 252 21.61 -4.16 -8.20
N THR A 253 22.21 -3.36 -9.05
CA THR A 253 23.39 -2.64 -8.66
C THR A 253 23.21 -1.16 -8.95
N SER A 254 23.77 -0.34 -8.09
CA SER A 254 23.73 1.09 -8.28
C SER A 254 25.15 1.60 -8.43
N GLY A 255 25.34 2.56 -9.33
CA GLY A 255 26.62 3.22 -9.48
C GLY A 255 27.61 2.45 -10.35
N GLY A 256 28.83 3.00 -10.46
CA GLY A 256 29.84 2.46 -11.33
C GLY A 256 29.98 3.37 -12.55
N VAL A 257 31.14 3.32 -13.19
CA VAL A 257 31.49 4.21 -14.30
C VAL A 257 31.21 3.55 -15.66
N SER A 258 30.91 4.37 -16.68
CA SER A 258 30.64 3.87 -18.04
C SER A 258 31.22 4.78 -19.13
N GLY A 260 34.32 4.74 -21.67
CA GLY A 260 35.42 3.97 -22.24
C GLY A 260 35.56 2.58 -21.65
N GLU A 261 36.74 2.27 -21.13
CA GLU A 261 37.09 0.91 -20.70
C GLU A 261 36.92 0.64 -19.20
N LYS A 262 36.65 1.68 -18.41
CA LYS A 262 36.44 1.49 -16.98
C LYS A 262 35.03 0.93 -16.66
N ASP A 263 34.25 0.59 -17.69
CA ASP A 263 32.94 -0.03 -17.45
C ASP A 263 33.10 -1.50 -17.08
N TYR A 264 33.73 -1.74 -15.94
CA TYR A 264 34.03 -3.07 -15.47
C TYR A 264 32.78 -3.94 -15.31
N LEU A 265 31.63 -3.30 -15.10
CA LEU A 265 30.40 -4.04 -14.92
C LEU A 265 29.93 -4.65 -16.22
N LYS A 266 29.72 -3.80 -17.24
CA LYS A 266 29.27 -4.27 -18.54
C LYS A 266 30.29 -5.23 -19.11
N GLN A 267 31.56 -5.02 -18.76
CA GLN A 267 32.63 -5.89 -19.20
C GLN A 267 32.57 -7.26 -18.50
N VAL A 268 32.21 -7.27 -17.22
CA VAL A 268 32.09 -8.52 -16.46
C VAL A 268 30.83 -9.30 -16.85
N LEU A 269 29.73 -8.59 -17.10
CA LEU A 269 28.48 -9.22 -17.53
C LEU A 269 28.68 -9.99 -18.83
N ASP A 270 29.38 -9.37 -19.77
CA ASP A 270 29.59 -9.92 -21.10
C ASP A 270 30.68 -11.01 -21.09
N ILE A 271 31.91 -10.64 -20.75
CA ILE A 271 33.02 -11.60 -20.78
C ILE A 271 32.89 -12.74 -19.75
N ASP A 272 32.83 -12.39 -18.47
CA ASP A 272 32.96 -13.39 -17.40
C ASP A 272 31.68 -14.21 -17.19
N LEU A 273 30.53 -13.54 -17.09
CA LEU A 273 29.26 -14.23 -16.82
C LEU A 273 28.51 -14.68 -18.08
N HIS A 274 28.95 -14.20 -19.24
CA HIS A 274 28.27 -14.46 -20.51
C HIS A 274 26.80 -14.16 -20.38
N ALA A 275 26.48 -13.06 -19.71
CA ALA A 275 25.13 -12.56 -19.66
C ALA A 275 24.83 -11.92 -21.00
N GLN A 276 23.60 -11.49 -21.16
CA GLN A 276 23.16 -10.87 -22.36
C GLN A 276 22.57 -9.51 -22.01
N ILE A 277 23.10 -8.46 -22.63
CA ILE A 277 22.75 -7.09 -22.30
C ILE A 277 21.80 -6.51 -23.35
N HIS A 278 20.55 -6.30 -22.96
CA HIS A 278 19.51 -5.93 -23.91
C HIS A 278 19.50 -4.43 -24.20
N PHE A 279 19.87 -3.65 -23.20
CA PHE A 279 20.18 -2.24 -23.41
C PHE A 279 21.12 -1.72 -22.34
N GLY A 280 21.89 -0.70 -22.70
CA GLY A 280 22.85 -0.06 -21.79
C GLY A 280 22.68 1.44 -21.66
N ARG A 281 21.83 2.04 -22.48
CA ARG A 281 21.51 3.46 -22.38
C ARG A 281 20.10 3.69 -22.87
N VAL A 282 19.39 4.60 -22.21
CA VAL A 282 18.00 4.83 -22.55
C VAL A 282 17.73 6.34 -22.58
N PHE A 283 16.98 6.76 -23.59
CA PHE A 283 16.75 8.16 -23.85
C PHE A 283 15.69 8.68 -22.90
N MET A 284 16.10 8.91 -21.65
CA MET A 284 15.20 9.33 -20.57
C MET A 284 15.91 10.27 -19.62
N LYS A 285 15.15 10.90 -18.72
CA LYS A 285 15.74 11.75 -17.68
C LYS A 285 14.91 11.70 -16.39
N PRO A 286 15.53 11.33 -15.26
CA PRO A 286 16.92 10.93 -15.11
C PRO A 286 17.08 9.51 -15.56
N GLY A 287 18.32 9.02 -15.52
CA GLY A 287 18.55 7.58 -15.66
C GLY A 287 18.98 7.09 -17.02
N LEU A 288 19.50 8.00 -17.84
CA LEU A 288 20.04 7.62 -19.15
C LEU A 288 20.98 6.41 -19.05
N PRO A 289 21.91 6.40 -18.08
CA PRO A 289 22.93 5.33 -18.07
C PRO A 289 22.47 3.95 -17.59
N THR A 290 21.18 3.67 -17.64
CA THR A 290 20.63 2.40 -17.12
C THR A 290 20.93 1.19 -18.03
N THR A 291 21.18 0.04 -17.39
CA THR A 291 21.50 -1.19 -18.07
C THR A 291 20.62 -2.31 -17.61
N PHE A 292 20.15 -3.15 -18.54
CA PHE A 292 19.32 -4.31 -18.21
C PHE A 292 19.86 -5.53 -18.93
N ALA A 293 20.01 -6.63 -18.19
CA ALA A 293 20.53 -7.87 -18.74
C ALA A 293 19.83 -9.10 -18.17
N THR A 294 19.90 -10.19 -18.90
CA THR A 294 19.43 -11.47 -18.40
C THR A 294 20.55 -12.46 -18.49
N LEU A 295 20.49 -13.49 -17.64
CA LEU A 295 21.48 -14.53 -17.63
C LEU A 295 20.76 -15.85 -17.44
N ASP A 296 20.90 -16.75 -18.42
CA ASP A 296 20.26 -18.04 -18.36
C ASP A 296 21.23 -19.05 -17.76
N ILE A 297 20.95 -19.45 -16.52
CA ILE A 297 21.76 -20.38 -15.75
C ILE A 297 20.92 -21.59 -15.38
N ASP A 298 21.33 -22.76 -15.86
CA ASP A 298 20.62 -24.03 -15.57
C ASP A 298 19.13 -23.96 -15.92
N GLY A 299 18.79 -23.23 -16.97
CA GLY A 299 17.39 -23.09 -17.43
C GLY A 299 16.63 -21.96 -16.75
N VAL A 300 17.02 -21.67 -15.51
CA VAL A 300 16.51 -20.54 -14.77
C VAL A 300 17.06 -19.27 -15.43
N ARG A 301 16.23 -18.25 -15.54
CA ARG A 301 16.65 -16.94 -15.99
C ARG A 301 16.70 -15.99 -14.81
N LYS A 302 17.90 -15.52 -14.47
CA LYS A 302 18.08 -14.44 -13.49
C LYS A 302 18.05 -13.12 -14.26
N ILE A 303 17.62 -12.02 -13.63
CA ILE A 303 17.67 -10.71 -14.29
C ILE A 303 18.47 -9.66 -13.51
N ILE A 304 19.16 -8.81 -14.27
CA ILE A 304 20.16 -7.93 -13.69
C ILE A 304 19.95 -6.49 -14.14
N PHE A 305 19.87 -5.58 -13.18
CA PHE A 305 19.73 -4.16 -13.47
C PHE A 305 20.95 -3.45 -12.95
N ALA A 306 21.53 -2.59 -13.78
CA ALA A 306 22.54 -1.65 -13.31
C ALA A 306 22.01 -0.24 -13.45
N LEU A 307 21.56 0.31 -12.34
CA LEU A 307 21.01 1.66 -12.33
C LEU A 307 22.16 2.66 -12.10
N PRO A 308 21.93 3.93 -12.46
CA PRO A 308 22.91 4.98 -12.23
C PRO A 308 23.16 5.30 -10.76
N GLY A 309 24.36 5.77 -10.45
CA GLY A 309 24.70 6.20 -9.10
C GLY A 309 23.86 7.34 -8.56
N ASN A 310 23.45 8.27 -9.42
CA ASN A 310 22.67 9.41 -8.97
C ASN A 310 21.48 8.91 -8.17
N PRO A 311 21.34 9.37 -6.91
CA PRO A 311 20.23 8.89 -6.05
C PRO A 311 18.82 9.09 -6.62
N VAL A 312 18.60 10.18 -7.34
CA VAL A 312 17.29 10.39 -7.92
C VAL A 312 17.06 9.39 -9.04
N SER A 313 18.10 9.16 -9.85
CA SER A 313 17.99 8.21 -10.96
C SER A 313 17.64 6.83 -10.43
N ALA A 314 18.40 6.38 -9.43
CA ALA A 314 18.19 5.06 -8.81
C ALA A 314 16.73 4.77 -8.45
N VAL A 315 16.12 5.64 -7.66
CA VAL A 315 14.73 5.47 -7.26
C VAL A 315 13.74 5.61 -8.43
N VAL A 316 14.04 6.47 -9.39
CA VAL A 316 13.14 6.63 -10.52
C VAL A 316 13.17 5.37 -11.41
N THR A 317 14.37 4.93 -11.76
CA THR A 317 14.53 3.79 -12.61
C THR A 317 14.00 2.54 -11.93
N CYS A 318 14.27 2.39 -10.63
CA CYS A 318 13.75 1.26 -9.88
C CYS A 318 12.26 1.14 -10.09
N ASN A 319 11.55 2.28 -10.00
CA ASN A 319 10.11 2.28 -10.15
C ASN A 319 9.59 2.09 -11.58
N LEU A 320 10.33 2.56 -12.58
CA LEU A 320 9.90 2.44 -13.96
C LEU A 320 10.15 1.06 -14.52
N PHE A 321 11.26 0.45 -14.13
CA PHE A 321 11.68 -0.80 -14.73
C PHE A 321 11.63 -1.98 -13.76
N VAL A 322 12.20 -1.82 -12.57
CA VAL A 322 12.36 -2.93 -11.66
C VAL A 322 11.02 -3.42 -11.11
N VAL A 323 10.27 -2.53 -10.51
CA VAL A 323 9.04 -2.97 -9.88
C VAL A 323 8.13 -3.72 -10.87
N PRO A 324 7.93 -3.17 -12.08
CA PRO A 324 7.11 -3.90 -13.06
C PRO A 324 7.62 -5.30 -13.33
N ALA A 325 8.93 -5.45 -13.44
CA ALA A 325 9.54 -6.75 -13.65
C ALA A 325 9.29 -7.71 -12.47
N LEU A 326 9.49 -7.20 -11.25
CA LEU A 326 9.19 -7.96 -10.04
C LEU A 326 7.72 -8.35 -10.00
N ARG A 327 6.85 -7.46 -10.44
CA ARG A 327 5.40 -7.76 -10.46
C ARG A 327 5.09 -8.91 -11.42
N LYS A 328 5.78 -8.93 -12.56
CA LYS A 328 5.62 -10.03 -13.48
C LYS A 328 6.20 -11.31 -12.86
N MET A 329 7.38 -11.24 -12.27
CA MET A 329 7.97 -12.45 -11.67
C MET A 329 7.01 -13.09 -10.68
N GLN A 330 6.27 -12.26 -9.95
CA GLN A 330 5.36 -12.73 -8.91
C GLN A 330 4.03 -13.21 -9.45
N GLY A 331 3.83 -13.09 -10.76
CA GLY A 331 2.68 -13.72 -11.42
C GLY A 331 1.48 -12.82 -11.71
N ILE A 332 1.68 -11.51 -11.63
CA ILE A 332 0.59 -10.57 -11.89
C ILE A 332 0.35 -10.43 -13.39
N LEU A 333 -0.91 -10.48 -13.81
CA LEU A 333 -1.24 -10.58 -15.22
C LEU A 333 -0.99 -9.29 -16.01
N ASP A 334 -1.28 -8.14 -15.40
CA ASP A 334 -0.78 -6.87 -15.93
C ASP A 334 0.13 -6.24 -14.87
N PRO A 335 1.45 -6.41 -15.01
CA PRO A 335 2.39 -5.81 -14.06
C PRO A 335 2.67 -4.33 -14.30
N ARG A 336 1.99 -3.70 -15.25
CA ARG A 336 2.27 -2.32 -15.55
C ARG A 336 1.67 -1.44 -14.48
N PRO A 337 2.29 -0.28 -14.19
CA PRO A 337 1.84 0.55 -13.11
C PRO A 337 0.57 1.30 -13.44
N THR A 338 -0.11 1.78 -12.41
CA THR A 338 -1.28 2.58 -12.60
C THR A 338 -0.82 3.98 -12.92
N ILE A 339 -1.27 4.49 -14.07
CA ILE A 339 -1.06 5.89 -14.45
C ILE A 339 -2.37 6.63 -14.31
N ILE A 340 -2.35 7.76 -13.61
CA ILE A 340 -3.57 8.53 -13.37
C ILE A 340 -3.42 9.95 -13.89
N LYS A 341 -4.52 10.58 -14.28
CA LYS A 341 -4.50 11.99 -14.66
C LYS A 341 -4.50 12.84 -13.40
N ALA A 342 -3.75 13.94 -13.46
CA ALA A 342 -3.61 14.89 -12.34
C ALA A 342 -3.36 16.27 -12.92
N ARG A 343 -3.49 17.30 -12.09
CA ARG A 343 -3.26 18.69 -12.55
C ARG A 343 -1.95 19.29 -12.05
N LEU A 344 -1.16 19.81 -12.97
CA LEU A 344 0.19 20.27 -12.70
C LEU A 344 0.16 21.44 -11.74
N SER A 345 0.85 21.31 -10.61
CA SER A 345 0.84 22.36 -9.58
C SER A 345 1.81 23.50 -9.85
N CYS A 346 2.90 23.22 -10.57
CA CYS A 346 3.95 24.20 -10.75
C CYS A 346 4.54 24.19 -12.17
N ASP A 347 4.70 25.38 -12.74
CA ASP A 347 5.32 25.55 -14.05
C ASP A 347 6.63 24.76 -14.19
N VAL A 348 6.99 24.41 -15.43
CA VAL A 348 8.22 23.64 -15.72
C VAL A 348 8.59 23.63 -17.20
N LYS A 349 9.87 23.83 -17.50
CA LYS A 349 10.39 23.73 -18.88
C LYS A 349 10.57 22.25 -19.21
N LEU A 350 10.40 21.88 -20.49
CA LEU A 350 10.55 20.48 -20.92
C LEU A 350 11.96 20.19 -21.40
N ASP A 351 12.46 19.01 -21.11
CA ASP A 351 13.71 18.53 -21.68
C ASP A 351 13.40 17.81 -23.00
N PRO A 352 14.39 17.72 -23.92
CA PRO A 352 14.19 16.87 -25.09
C PRO A 352 13.93 15.41 -24.75
N ARG A 353 14.46 14.94 -23.62
CA ARG A 353 14.23 13.58 -23.17
C ARG A 353 12.95 13.54 -22.36
N PRO A 354 12.18 12.44 -22.44
CA PRO A 354 11.05 12.34 -21.55
C PRO A 354 11.60 12.36 -20.15
N GLU A 355 10.99 13.13 -19.27
CA GLU A 355 11.52 13.31 -17.92
C GLU A 355 10.56 12.76 -16.86
N TYR A 356 11.10 12.41 -15.69
CA TYR A 356 10.29 11.82 -14.61
C TYR A 356 10.63 12.46 -13.26
N HIS A 357 9.65 13.08 -12.61
CA HIS A 357 9.85 13.82 -11.37
C HIS A 357 9.13 13.14 -10.25
N ARG A 358 9.80 12.96 -9.12
CA ARG A 358 9.11 12.47 -7.94
C ARG A 358 8.12 13.55 -7.52
N CYS A 359 6.85 13.21 -7.35
CA CYS A 359 5.84 14.20 -7.00
C CYS A 359 4.87 13.73 -5.93
N ILE A 360 4.20 14.69 -5.30
CA ILE A 360 3.23 14.38 -4.26
C ILE A 360 1.84 14.61 -4.81
N LEU A 361 0.96 13.64 -4.60
CA LEU A 361 -0.41 13.71 -5.08
C LEU A 361 -1.34 14.12 -3.95
N THR A 362 -2.16 15.14 -4.18
CA THR A 362 -3.16 15.56 -3.21
C THR A 362 -4.51 15.69 -3.89
N TRP A 363 -5.53 15.08 -3.30
CA TRP A 363 -6.91 15.26 -3.75
C TRP A 363 -7.53 16.28 -2.84
N HIS A 364 -7.80 17.47 -3.38
CA HIS A 364 -8.40 18.53 -2.59
C HIS A 364 -9.91 18.29 -2.54
N HIS A 365 -10.54 18.56 -1.40
CA HIS A 365 -11.97 18.28 -1.20
C HIS A 365 -12.85 18.82 -2.33
N GLN A 366 -13.66 17.92 -2.92
CA GLN A 366 -14.64 18.25 -3.97
C GLN A 366 -14.04 18.73 -5.30
N GLU A 367 -12.73 18.58 -5.49
CA GLU A 367 -12.11 18.75 -6.81
C GLU A 367 -11.86 17.36 -7.45
N PRO A 368 -12.29 17.17 -8.70
CA PRO A 368 -12.26 15.86 -9.35
C PRO A 368 -10.86 15.31 -9.57
N LEU A 369 -9.91 16.14 -10.00
CA LEU A 369 -8.56 15.65 -10.28
C LEU A 369 -7.63 16.01 -9.12
N PRO A 370 -6.68 15.11 -8.82
CA PRO A 370 -5.65 15.44 -7.84
C PRO A 370 -4.62 16.37 -8.43
N TRP A 371 -3.97 17.11 -7.57
CA TRP A 371 -2.90 18.02 -7.98
C TRP A 371 -1.54 17.36 -7.73
N ALA A 372 -0.67 17.43 -8.73
CA ALA A 372 0.66 16.83 -8.68
C ALA A 372 1.72 17.90 -8.47
N GLN A 373 2.33 17.86 -7.31
CA GLN A 373 3.35 18.85 -6.94
C GLN A 373 4.73 18.21 -7.02
N SER A 374 5.49 18.62 -8.04
CA SER A 374 6.84 18.11 -8.27
C SER A 374 7.78 18.48 -7.13
N THR A 375 8.70 17.56 -6.80
CA THR A 375 9.79 17.88 -5.87
C THR A 375 11.00 18.44 -6.62
N GLY A 376 11.02 18.23 -7.95
CA GLY A 376 11.94 18.87 -8.88
C GLY A 376 12.72 17.83 -9.67
N MET A 379 15.05 16.79 -7.11
CA MET A 379 15.72 17.68 -6.15
C MET A 379 15.89 16.93 -4.85
N SER A 380 17.14 16.77 -4.39
CA SER A 380 17.45 15.87 -3.29
C SER A 380 16.81 16.21 -1.96
N SER A 381 16.79 17.47 -1.60
CA SER A 381 16.13 17.90 -0.38
C SER A 381 15.22 19.12 -0.60
N ARG A 382 15.46 20.18 0.13
CA ARG A 382 14.98 21.48 -0.24
C ARG A 382 13.51 21.59 -0.13
N LEU A 383 12.82 20.74 -0.87
CA LEU A 383 11.38 20.92 -0.98
C LEU A 383 10.75 20.02 0.02
N MET A 384 10.23 20.62 1.07
CA MET A 384 9.90 19.86 2.25
C MET A 384 8.43 19.75 2.54
N SER A 385 7.95 18.52 2.50
CA SER A 385 6.58 18.23 2.68
C SER A 385 6.59 17.21 3.76
N MET A 386 5.59 17.26 4.60
CA MET A 386 5.50 16.26 5.68
C MET A 386 5.23 14.87 5.10
N ARG A 387 5.11 14.79 3.79
CA ARG A 387 4.52 13.64 3.13
C ARG A 387 5.45 13.05 2.06
N SER A 388 5.56 11.73 2.09
CA SER A 388 6.42 10.97 1.20
C SER A 388 5.94 11.14 -0.23
N ALA A 389 6.85 11.15 -1.19
CA ALA A 389 6.52 11.27 -2.62
C ALA A 389 5.60 10.15 -3.08
N ASN A 390 4.50 10.56 -3.71
CA ASN A 390 3.35 9.71 -3.93
C ASN A 390 3.37 9.09 -5.31
N GLY A 391 3.95 9.82 -6.27
CA GLY A 391 3.96 9.41 -7.66
C GLY A 391 5.16 9.91 -8.46
N LEU A 392 5.25 9.47 -9.71
CA LEU A 392 6.20 10.00 -10.68
C LEU A 392 5.43 10.81 -11.70
N LEU A 393 5.71 12.11 -11.73
CA LEU A 393 5.16 13.01 -12.76
C LEU A 393 5.84 12.64 -14.06
N MET A 394 5.05 12.23 -15.03
CA MET A 394 5.58 11.81 -16.32
C MET A 394 5.46 12.99 -17.27
N LEU A 395 6.53 13.78 -17.36
CA LEU A 395 6.58 14.87 -18.31
C LEU A 395 6.82 14.33 -19.71
N PRO A 396 6.25 14.99 -20.73
CA PRO A 396 6.52 14.63 -22.11
C PRO A 396 7.84 15.22 -22.58
N PRO A 397 8.27 14.85 -23.80
CA PRO A 397 9.49 15.42 -24.35
C PRO A 397 9.20 16.76 -24.96
N LYS A 398 10.21 17.63 -24.99
CA LYS A 398 10.10 18.93 -25.64
C LYS A 398 9.62 18.73 -27.06
N THR A 399 8.71 19.61 -27.48
CA THR A 399 8.38 19.79 -28.88
C THR A 399 8.19 21.29 -29.09
N GLU A 400 8.05 21.71 -30.34
CA GLU A 400 7.92 23.13 -30.64
C GLU A 400 6.65 23.76 -30.07
N GLN A 401 5.61 22.94 -29.88
CA GLN A 401 4.31 23.42 -29.38
C GLN A 401 4.20 23.27 -27.88
N TYR A 402 5.19 22.60 -27.30
CA TYR A 402 5.29 22.46 -25.86
C TYR A 402 6.74 22.67 -25.42
N VAL A 403 7.13 23.93 -25.27
CA VAL A 403 8.45 24.29 -24.76
C VAL A 403 8.45 24.25 -23.24
N GLU A 404 7.31 24.61 -22.66
CA GLU A 404 7.09 24.53 -21.21
C GLU A 404 5.67 24.07 -20.89
N LEU A 405 5.42 23.76 -19.62
CA LEU A 405 4.08 23.40 -19.14
C LEU A 405 3.70 24.33 -18.02
N HIS A 406 2.41 24.69 -17.95
CA HIS A 406 1.95 25.66 -16.96
C HIS A 406 1.04 25.04 -15.92
N LYS A 407 1.02 25.64 -14.73
CA LYS A 407 0.13 25.20 -13.65
C LYS A 407 -1.29 25.01 -14.14
N GLY A 408 -1.90 23.88 -13.80
CA GLY A 408 -3.28 23.58 -14.15
C GLY A 408 -3.44 22.56 -15.27
N GLU A 409 -2.40 22.34 -16.06
CA GLU A 409 -2.52 21.46 -17.23
C GLU A 409 -2.61 20.00 -16.81
N VAL A 410 -3.44 19.23 -17.50
CA VAL A 410 -3.62 17.82 -17.18
C VAL A 410 -2.41 17.01 -17.65
N VAL A 411 -1.79 16.31 -16.70
CA VAL A 411 -0.58 15.50 -16.96
C VAL A 411 -0.75 14.08 -16.40
N ASP A 412 0.06 13.15 -16.91
CA ASP A 412 0.08 11.78 -16.44
C ASP A 412 0.99 11.64 -15.23
N VAL A 413 0.47 11.06 -14.14
CA VAL A 413 1.29 10.72 -12.98
C VAL A 413 1.21 9.22 -12.71
N MET A 414 2.37 8.61 -12.50
CA MET A 414 2.42 7.20 -12.19
C MET A 414 2.35 7.11 -10.69
N VAL A 415 1.50 6.24 -10.18
CA VAL A 415 1.38 6.05 -8.73
C VAL A 415 2.51 5.16 -8.27
N ILE A 416 3.28 5.60 -7.28
CA ILE A 416 4.37 4.79 -6.71
C ILE A 416 4.16 4.66 -5.19
N GLY A 417 4.03 3.43 -4.71
CA GLY A 417 3.76 3.19 -3.31
C GLY A 417 2.34 3.43 -2.76
N ARG A 418 1.95 2.52 -1.86
CA ARG A 418 0.66 2.58 -1.16
C ARG A 418 0.52 3.94 -0.51
N LEU A 419 -0.62 4.60 -0.70
CA LEU A 419 -0.76 5.96 -0.24
C LEU A 419 -0.82 5.90 1.28
N PRO B 3 -31.51 0.55 23.76
CA PRO B 3 -30.26 0.20 24.43
C PRO B 3 -29.21 1.31 24.32
N PHE B 4 -28.46 1.35 23.21
CA PHE B 4 -27.46 2.40 22.91
C PHE B 4 -27.98 3.27 21.78
N PRO B 5 -27.78 4.59 21.87
CA PRO B 5 -28.32 5.47 20.84
C PRO B 5 -27.65 5.27 19.50
N LEU B 6 -28.42 5.47 18.43
CA LEU B 6 -27.87 5.50 17.08
C LEU B 6 -27.00 6.72 16.92
N THR B 7 -25.76 6.51 16.50
CA THR B 7 -24.83 7.60 16.33
C THR B 7 -24.70 7.92 14.85
N SER B 8 -24.54 9.20 14.53
CA SER B 8 -24.33 9.61 13.16
C SER B 8 -22.93 9.16 12.76
N MET B 9 -22.80 8.70 11.53
CA MET B 9 -21.50 8.28 10.98
C MET B 9 -20.41 9.36 11.14
N ASP B 10 -20.75 10.63 10.86
CA ASP B 10 -19.86 11.76 11.11
C ASP B 10 -19.33 11.74 12.55
N LYS B 11 -20.24 11.53 13.51
CA LYS B 11 -19.90 11.58 14.93
C LYS B 11 -19.06 10.38 15.36
N ALA B 12 -19.43 9.19 14.90
CA ALA B 12 -18.69 7.96 15.26
C ALA B 12 -17.23 8.10 14.86
N PHE B 13 -17.00 8.64 13.67
CA PHE B 13 -15.66 8.78 13.15
C PHE B 13 -14.86 9.85 13.89
N ILE B 14 -15.48 10.98 14.17
CA ILE B 14 -14.82 12.04 14.93
C ILE B 14 -14.46 11.56 16.33
N THR B 15 -15.41 10.85 16.94
CA THR B 15 -15.26 10.29 18.27
C THR B 15 -14.11 9.31 18.34
N VAL B 16 -13.99 8.47 17.33
CA VAL B 16 -12.88 7.54 17.28
C VAL B 16 -11.53 8.23 17.25
N LEU B 17 -11.40 9.31 16.47
CA LEU B 17 -10.10 9.99 16.38
C LEU B 17 -9.76 10.75 17.66
N GLU B 18 -10.72 11.49 18.20
CA GLU B 18 -10.49 12.24 19.44
C GLU B 18 -10.09 11.33 20.60
N MET B 19 -10.78 10.19 20.71
CA MET B 19 -10.61 9.29 21.84
C MET B 19 -9.40 8.40 21.68
N THR B 20 -8.85 8.36 20.47
CA THR B 20 -7.67 7.54 20.19
C THR B 20 -6.41 8.31 20.56
N PRO B 21 -5.54 7.71 21.39
CA PRO B 21 -4.32 8.39 21.81
C PRO B 21 -3.19 8.26 20.80
N VAL B 22 -2.23 9.17 20.85
CA VAL B 22 -1.00 9.02 20.10
C VAL B 22 -0.02 8.24 20.95
N LEU B 23 0.61 7.21 20.40
CA LEU B 23 1.59 6.45 21.17
C LEU B 23 2.83 7.27 21.37
N GLY B 24 3.65 6.83 22.32
CA GLY B 24 4.93 7.50 22.59
C GLY B 24 5.96 7.10 21.55
N THR B 25 7.23 7.38 21.84
CA THR B 25 8.30 7.24 20.86
C THR B 25 9.38 6.23 21.27
N GLU B 26 10.27 5.91 20.35
CA GLU B 26 11.34 4.98 20.58
C GLU B 26 12.42 5.17 19.53
N ILE B 27 13.60 4.66 19.80
CA ILE B 27 14.73 4.87 18.90
C ILE B 27 14.93 3.63 18.03
N ILE B 28 14.98 3.84 16.71
CA ILE B 28 15.11 2.75 15.73
C ILE B 28 16.24 2.99 14.76
N ASN B 29 16.68 1.91 14.12
CA ASN B 29 17.66 2.01 13.05
C ASN B 29 16.99 2.49 11.76
N TYR B 30 17.64 3.36 11.01
CA TYR B 30 17.07 3.92 9.76
C TYR B 30 16.47 2.87 8.82
N ARG B 31 17.14 1.73 8.70
CA ARG B 31 16.62 0.66 7.87
C ARG B 31 15.24 0.13 8.30
N ASP B 32 14.79 0.42 9.52
CA ASP B 32 13.44 0.04 9.97
C ASP B 32 12.46 1.23 9.93
N GLY B 33 12.83 2.31 9.26
CA GLY B 33 12.00 3.53 9.24
C GLY B 33 10.74 3.47 8.40
N MET B 34 10.60 2.45 7.55
CA MET B 34 9.47 2.38 6.62
C MET B 34 8.13 2.56 7.33
N GLY B 35 7.42 3.62 6.98
CA GLY B 35 6.11 3.87 7.58
C GLY B 35 6.12 4.59 8.90
N ARG B 36 7.30 4.76 9.52
CA ARG B 36 7.40 5.41 10.83
C ARG B 36 7.31 6.93 10.68
N VAL B 37 6.75 7.60 11.68
CA VAL B 37 6.75 9.03 11.71
C VAL B 37 7.88 9.53 12.59
N LEU B 38 8.63 10.52 12.11
CA LEU B 38 9.75 11.08 12.86
C LEU B 38 9.24 11.88 14.02
N ALA B 39 9.77 11.61 15.21
CA ALA B 39 9.50 12.42 16.39
C ALA B 39 10.52 13.54 16.62
N GLN B 40 11.44 13.76 15.67
CA GLN B 40 12.49 14.78 15.79
C GLN B 40 12.73 15.45 14.43
N ASP B 41 13.33 16.63 14.45
CA ASP B 41 13.95 17.15 13.24
C ASP B 41 15.27 16.37 13.01
N VAL B 42 15.68 16.27 11.74
CA VAL B 42 16.95 15.66 11.40
C VAL B 42 17.79 16.70 10.68
N TYR B 43 19.00 16.91 11.19
CA TYR B 43 19.89 17.93 10.67
C TYR B 43 21.02 17.26 9.89
N ALA B 44 21.45 17.90 8.82
CA ALA B 44 22.57 17.39 8.03
C ALA B 44 23.86 17.90 8.64
N LYS B 45 24.83 17.02 8.89
CA LYS B 45 26.09 17.46 9.48
C LYS B 45 27.26 17.59 8.48
N ASP B 46 27.03 17.25 7.21
CA ASP B 46 27.99 17.58 6.12
C ASP B 46 27.27 18.19 4.91
N ASN B 47 28.03 18.87 4.06
CA ASN B 47 27.55 19.29 2.75
C ASN B 47 27.45 18.10 1.80
N LEU B 48 26.48 18.16 0.90
CA LEU B 48 26.38 17.23 -0.22
C LEU B 48 26.22 18.05 -1.51
N PRO B 49 27.14 17.86 -2.46
CA PRO B 49 28.35 17.06 -2.28
C PRO B 49 29.31 17.79 -1.37
N PRO B 50 30.20 17.06 -0.68
CA PRO B 50 31.22 17.72 0.14
C PRO B 50 32.30 18.44 -0.68
N PHE B 51 32.48 18.04 -1.93
CA PHE B 51 33.47 18.62 -2.86
C PHE B 51 32.73 18.99 -4.13
N PRO B 52 33.25 19.95 -4.92
CA PRO B 52 32.58 20.22 -6.18
C PRO B 52 32.65 18.97 -7.05
N ALA B 53 31.52 18.58 -7.62
CA ALA B 53 31.42 17.31 -8.33
C ALA B 53 30.90 17.46 -9.75
N SER B 54 31.48 16.71 -10.67
CA SER B 54 31.08 16.78 -12.07
C SER B 54 29.74 16.11 -12.27
N VAL B 55 28.94 16.68 -13.14
CA VAL B 55 27.69 16.06 -13.53
C VAL B 55 27.96 14.99 -14.59
N LYS B 56 28.79 15.34 -15.57
CA LYS B 56 29.02 14.49 -16.73
C LYS B 56 30.31 13.68 -16.66
N ASP B 57 30.40 12.68 -17.54
CA ASP B 57 31.67 12.03 -17.87
C ASP B 57 32.26 12.92 -18.96
N GLY B 58 33.45 13.45 -18.74
CA GLY B 58 34.04 14.42 -19.67
C GLY B 58 35.34 15.04 -19.21
N TYR B 59 35.46 16.36 -19.38
CA TYR B 59 36.68 17.09 -19.02
C TYR B 59 36.42 18.37 -18.23
N ALA B 60 37.20 18.56 -17.18
CA ALA B 60 37.16 19.78 -16.39
C ALA B 60 38.08 20.79 -17.05
N VAL B 61 37.57 21.98 -17.28
CA VAL B 61 38.25 22.96 -18.11
C VAL B 61 38.18 24.35 -17.46
N ARG B 62 38.99 25.27 -17.96
CA ARG B 62 38.84 26.69 -17.65
C ARG B 62 37.92 27.30 -18.69
N ALA B 63 36.97 28.12 -18.23
CA ALA B 63 36.03 28.78 -19.13
C ALA B 63 36.60 30.04 -19.80
N ALA B 64 37.79 30.48 -19.38
CA ALA B 64 38.47 31.60 -20.04
C ALA B 64 39.16 31.11 -21.31
N ASP B 65 39.79 29.93 -21.22
CA ASP B 65 40.21 29.19 -22.39
C ASP B 65 38.86 28.89 -23.00
N GLY B 66 38.61 29.29 -24.22
CA GLY B 66 37.35 28.95 -24.85
C GLY B 66 37.46 27.57 -25.51
N PRO B 67 36.90 27.44 -26.73
CA PRO B 67 37.12 26.21 -27.47
C PRO B 67 38.57 26.15 -27.98
N GLY B 68 39.13 24.94 -28.05
CA GLY B 68 40.50 24.76 -28.54
C GLY B 68 41.16 23.43 -28.20
N ASP B 69 42.46 23.35 -28.48
CA ASP B 69 43.27 22.16 -28.22
C ASP B 69 43.86 22.27 -26.82
N ARG B 70 43.79 21.19 -26.05
CA ARG B 70 44.21 21.22 -24.66
C ARG B 70 45.04 19.98 -24.30
N PHE B 71 45.94 20.14 -23.34
CA PHE B 71 46.71 19.02 -22.78
C PHE B 71 45.88 18.36 -21.67
N ILE B 72 45.86 17.04 -21.65
CA ILE B 72 45.23 16.28 -20.57
C ILE B 72 46.30 15.93 -19.54
N ILE B 73 46.23 16.56 -18.38
CA ILE B 73 47.23 16.35 -17.32
C ILE B 73 47.00 15.04 -16.54
N GLY B 74 45.74 14.64 -16.37
CA GLY B 74 45.41 13.38 -15.71
C GLY B 74 43.92 13.13 -15.58
N GLU B 75 43.55 12.12 -14.81
CA GLU B 75 42.15 11.85 -14.52
C GLU B 75 41.90 12.12 -13.04
N SER B 76 40.69 12.59 -12.73
CA SER B 76 40.24 12.71 -11.35
C SER B 76 39.56 11.39 -10.92
N GLN B 77 40.18 10.63 -10.04
CA GLN B 77 39.61 9.35 -9.58
C GLN B 77 38.40 9.60 -8.68
N ALA B 78 37.45 8.66 -8.71
CA ALA B 78 36.19 8.80 -7.98
C ALA B 78 36.33 9.01 -6.46
N GLY B 79 37.22 8.24 -5.83
CA GLY B 79 37.31 8.23 -4.36
C GLY B 79 38.33 9.15 -3.72
N GLU B 80 38.99 9.99 -4.52
CA GLU B 80 40.23 10.66 -4.12
C GLU B 80 40.21 12.19 -4.28
N GLN B 81 40.98 12.88 -3.43
CA GLN B 81 41.20 14.32 -3.55
C GLN B 81 42.18 14.60 -4.72
N PRO B 82 41.78 15.45 -5.70
CA PRO B 82 42.66 15.73 -6.85
C PRO B 82 43.94 16.46 -6.47
N THR B 83 45.09 15.92 -6.88
CA THR B 83 46.40 16.47 -6.49
C THR B 83 46.96 17.53 -7.44
N GLN B 84 46.56 17.47 -8.71
CA GLN B 84 47.01 18.42 -9.73
C GLN B 84 46.11 19.65 -9.77
N THR B 85 46.54 20.68 -10.51
CA THR B 85 45.80 21.93 -10.67
C THR B 85 45.81 22.31 -12.14
N VAL B 86 44.73 22.93 -12.61
CA VAL B 86 44.52 23.21 -14.03
C VAL B 86 44.98 24.62 -14.48
N MET B 87 46.05 24.67 -15.27
CA MET B 87 46.55 25.93 -15.83
C MET B 87 45.92 26.17 -17.20
N PRO B 88 45.91 27.42 -17.67
CA PRO B 88 45.39 27.67 -19.01
C PRO B 88 45.99 26.74 -20.08
N GLY B 89 45.14 26.28 -20.98
CA GLY B 89 45.52 25.33 -22.02
C GLY B 89 45.53 23.89 -21.52
N GLN B 90 44.91 23.65 -20.36
CA GLN B 90 44.88 22.31 -19.80
C GLN B 90 43.49 21.87 -19.42
N VAL B 91 43.35 20.55 -19.33
CA VAL B 91 42.13 19.90 -18.84
C VAL B 91 42.51 18.65 -18.06
N MET B 92 41.56 18.16 -17.25
CA MET B 92 41.70 16.88 -16.57
C MET B 92 40.48 16.06 -16.92
N ARG B 93 40.68 14.78 -17.22
CA ARG B 93 39.53 13.90 -17.49
C ARG B 93 38.75 13.72 -16.21
N VAL B 94 37.43 13.72 -16.35
CA VAL B 94 36.55 13.58 -15.21
C VAL B 94 35.49 12.53 -15.55
N THR B 95 35.01 11.81 -14.53
CA THR B 95 33.82 10.96 -14.65
C THR B 95 32.73 11.59 -13.80
N THR B 96 31.52 11.06 -13.91
CA THR B 96 30.37 11.63 -13.22
C THR B 96 30.59 11.41 -11.72
N GLY B 97 30.34 12.45 -10.91
CA GLY B 97 30.49 12.34 -9.46
C GLY B 97 31.91 12.48 -8.93
N ALA B 98 32.91 12.55 -9.83
CA ALA B 98 34.29 12.87 -9.45
C ALA B 98 34.44 14.33 -9.06
N PRO B 99 35.41 14.62 -8.17
CA PRO B 99 35.68 16.02 -7.81
C PRO B 99 36.29 16.83 -8.94
N ILE B 100 36.10 18.15 -8.89
CA ILE B 100 36.72 19.06 -9.83
C ILE B 100 38.08 19.47 -9.24
N PRO B 101 39.12 19.52 -10.08
CA PRO B 101 40.40 20.01 -9.59
C PRO B 101 40.44 21.53 -9.49
N CYS B 102 41.32 22.06 -8.64
CA CYS B 102 41.49 23.50 -8.50
C CYS B 102 41.98 24.04 -9.83
N GLY B 103 41.36 25.14 -10.29
CA GLY B 103 41.76 25.79 -11.53
C GLY B 103 40.68 25.69 -12.59
N ALA B 104 39.86 24.63 -12.50
CA ALA B 104 38.74 24.43 -13.42
C ALA B 104 37.51 25.07 -12.84
N ASP B 105 36.69 25.67 -13.70
CA ASP B 105 35.42 26.25 -13.28
C ASP B 105 34.22 25.67 -14.03
N ALA B 106 34.46 24.73 -14.94
CA ALA B 106 33.40 24.15 -15.76
C ALA B 106 33.77 22.75 -16.26
N VAL B 107 32.75 22.01 -16.68
CA VAL B 107 32.92 20.65 -17.18
C VAL B 107 32.28 20.55 -18.56
N VAL B 108 32.96 19.84 -19.48
CA VAL B 108 32.46 19.59 -20.83
C VAL B 108 32.38 18.08 -21.06
N GLN B 109 31.23 17.62 -21.59
CA GLN B 109 30.99 16.20 -21.92
C GLN B 109 32.00 15.64 -22.90
N VAL B 110 32.12 14.32 -22.94
CA VAL B 110 32.97 13.65 -23.94
C VAL B 110 32.42 13.92 -25.33
N GLU B 111 31.10 13.87 -25.47
CA GLU B 111 30.44 14.10 -26.77
C GLU B 111 30.65 15.51 -27.35
N ASP B 112 31.02 16.49 -26.53
CA ASP B 112 31.44 17.79 -27.05
C ASP B 112 32.99 17.87 -27.06
N THR B 113 33.63 16.85 -27.66
CA THR B 113 35.08 16.82 -27.87
C THR B 113 35.42 16.20 -29.24
N GLU B 124 47.57 6.03 -22.26
CA GLU B 124 46.71 7.17 -21.91
C GLU B 124 46.65 8.25 -23.03
N GLU B 125 45.57 9.02 -22.98
CA GLU B 125 45.30 10.11 -23.92
C GLU B 125 46.11 11.35 -23.55
N LEU B 126 46.77 11.97 -24.53
CA LEU B 126 47.60 13.16 -24.31
C LEU B 126 46.86 14.48 -24.53
N GLU B 127 46.10 14.57 -25.63
CA GLU B 127 45.50 15.84 -26.07
C GLU B 127 44.02 15.72 -26.43
N VAL B 128 43.28 16.81 -26.20
CA VAL B 128 41.85 16.86 -26.56
C VAL B 128 41.49 18.16 -27.24
N ARG B 129 40.75 18.06 -28.35
CA ARG B 129 40.10 19.21 -28.94
C ARG B 129 38.78 19.38 -28.23
N ILE B 130 38.53 20.62 -27.81
CA ILE B 130 37.38 20.92 -26.99
C ILE B 130 36.51 21.90 -27.80
N LEU B 131 35.27 21.47 -28.10
CA LEU B 131 34.34 22.24 -28.94
C LEU B 131 33.62 23.37 -28.17
N VAL B 132 33.31 23.13 -26.89
CA VAL B 132 33.01 24.20 -25.89
C VAL B 132 31.87 25.17 -26.20
N GLN B 133 32.09 26.48 -26.02
CA GLN B 133 31.02 27.46 -25.77
C GLN B 133 30.48 27.31 -24.29
N ALA B 134 31.33 26.90 -23.34
CA ALA B 134 30.88 26.53 -21.98
C ALA B 134 30.87 27.72 -21.02
N ARG B 135 29.80 27.86 -20.22
CA ARG B 135 29.69 28.95 -19.23
C ARG B 135 30.21 28.49 -17.85
N PRO B 136 30.83 29.40 -17.06
CA PRO B 136 31.32 29.01 -15.72
C PRO B 136 30.27 28.42 -14.77
N GLY B 137 30.59 27.28 -14.16
CA GLY B 137 29.66 26.54 -13.31
C GLY B 137 29.00 25.38 -14.06
N GLN B 138 29.15 25.35 -15.38
CA GLN B 138 28.44 24.42 -16.24
C GLN B 138 28.80 22.96 -15.99
N ASP B 139 27.79 22.16 -15.66
CA ASP B 139 27.91 20.72 -15.36
C ASP B 139 28.80 20.43 -14.14
N ILE B 140 28.58 21.19 -13.07
CA ILE B 140 29.25 20.99 -11.79
C ILE B 140 28.22 21.16 -10.68
N ARG B 141 28.23 20.26 -9.70
CA ARG B 141 27.50 20.44 -8.44
C ARG B 141 28.50 21.04 -7.45
N PRO B 142 28.40 22.37 -7.19
CA PRO B 142 29.25 22.94 -6.14
C PRO B 142 29.00 22.32 -4.77
N ILE B 143 29.93 22.52 -3.85
CA ILE B 143 29.76 22.06 -2.46
C ILE B 143 28.42 22.54 -1.91
N GLY B 144 27.68 21.62 -1.31
CA GLY B 144 26.38 21.93 -0.71
C GLY B 144 25.29 22.27 -1.71
N HIS B 145 25.48 21.89 -2.96
CA HIS B 145 24.44 22.07 -3.99
C HIS B 145 23.13 21.40 -3.59
N ASP B 146 23.20 20.11 -3.30
CA ASP B 146 22.02 19.32 -2.92
C ASP B 146 21.62 19.50 -1.46
N ILE B 147 22.58 19.35 -0.55
CA ILE B 147 22.35 19.52 0.90
C ILE B 147 23.41 20.44 1.52
N LYS B 148 22.96 21.48 2.23
CA LYS B 148 23.86 22.43 2.89
C LYS B 148 24.09 21.99 4.32
N ARG B 149 25.33 22.06 4.79
CA ARG B 149 25.66 21.61 6.14
C ARG B 149 24.77 22.28 7.19
N GLY B 150 24.33 21.49 8.17
CA GLY B 150 23.57 21.99 9.30
C GLY B 150 22.09 22.22 9.07
N GLU B 151 21.62 22.07 7.83
CA GLU B 151 20.21 22.36 7.54
C GLU B 151 19.29 21.16 7.85
N CYS B 152 18.04 21.48 8.21
CA CYS B 152 17.04 20.49 8.55
C CYS B 152 16.66 19.76 7.28
N VAL B 153 17.08 18.50 7.14
CA VAL B 153 16.73 17.74 5.94
C VAL B 153 15.36 17.05 6.05
N LEU B 154 15.00 16.58 7.25
CA LEU B 154 13.66 16.03 7.52
C LEU B 154 13.08 16.61 8.82
N ALA B 155 11.81 17.02 8.78
CA ALA B 155 11.18 17.67 9.91
C ALA B 155 10.37 16.67 10.76
N LYS B 156 10.15 17.03 12.01
CA LYS B 156 9.28 16.29 12.92
C LYS B 156 7.91 16.11 12.29
N GLY B 157 7.31 14.95 12.49
CA GLY B 157 6.00 14.64 11.92
C GLY B 157 6.07 13.98 10.55
N THR B 158 7.26 13.90 9.96
CA THR B 158 7.40 13.37 8.61
C THR B 158 7.15 11.87 8.61
N HIS B 159 6.32 11.43 7.67
CA HIS B 159 5.90 10.04 7.53
C HIS B 159 6.77 9.41 6.43
N MET B 160 7.68 8.54 6.84
CA MET B 160 8.81 8.16 6.00
C MET B 160 8.51 7.06 5.00
N GLY B 161 9.11 7.20 3.83
CA GLY B 161 9.11 6.18 2.78
C GLY B 161 10.55 5.94 2.34
N PRO B 162 10.73 5.15 1.27
CA PRO B 162 12.08 4.78 0.88
C PRO B 162 13.02 5.96 0.62
N SER B 163 12.51 7.08 0.12
CA SER B 163 13.37 8.24 -0.14
C SER B 163 13.88 8.85 1.19
N GLU B 164 12.97 8.98 2.12
CA GLU B 164 13.29 9.48 3.45
C GLU B 164 14.36 8.62 4.13
N ILE B 165 14.21 7.31 4.07
CA ILE B 165 15.26 6.42 4.57
C ILE B 165 16.58 6.71 3.85
N GLY B 166 16.54 6.85 2.53
CA GLY B 166 17.73 7.23 1.79
C GLY B 166 18.35 8.51 2.29
N LEU B 167 17.50 9.44 2.68
CA LEU B 167 17.98 10.74 3.15
C LEU B 167 18.72 10.61 4.48
N LEU B 168 18.16 9.78 5.36
CA LEU B 168 18.82 9.46 6.63
C LEU B 168 20.16 8.82 6.36
N ALA B 169 20.19 7.84 5.47
CA ALA B 169 21.45 7.24 5.04
C ALA B 169 22.44 8.26 4.53
N THR B 170 21.97 9.18 3.70
CA THR B 170 22.83 10.18 3.11
C THR B 170 23.52 11.08 4.15
N VAL B 171 22.78 11.53 5.15
CA VAL B 171 23.26 12.50 6.11
C VAL B 171 23.87 11.86 7.36
N GLY B 172 23.94 10.53 7.37
CA GLY B 172 24.66 9.80 8.39
C GLY B 172 23.86 9.47 9.63
N VAL B 173 22.57 9.82 9.62
CA VAL B 173 21.73 9.71 10.82
C VAL B 173 21.05 8.34 10.86
N THR B 174 21.75 7.36 11.39
CA THR B 174 21.34 5.95 11.32
C THR B 174 20.45 5.50 12.47
N GLU B 175 20.26 6.37 13.46
CA GLU B 175 19.43 6.10 14.62
C GLU B 175 18.49 7.28 14.71
N VAL B 176 17.21 7.02 14.90
CA VAL B 176 16.25 8.11 14.86
C VAL B 176 15.03 7.82 15.75
N GLU B 177 14.49 8.88 16.33
CA GLU B 177 13.38 8.75 17.26
C GLU B 177 12.06 8.89 16.51
N VAL B 178 11.23 7.86 16.62
CA VAL B 178 9.97 7.79 15.90
C VAL B 178 8.89 7.37 16.86
N ASN B 179 7.65 7.64 16.49
CA ASN B 179 6.51 7.13 17.24
C ASN B 179 6.50 5.62 17.18
N LYS B 180 6.00 4.99 18.23
CA LYS B 180 5.76 3.54 18.25
C LYS B 180 4.65 3.12 17.31
N PHE B 181 4.64 1.83 17.00
CA PHE B 181 3.59 1.23 16.20
C PHE B 181 2.62 0.55 17.14
N PRO B 182 1.31 0.67 16.88
CA PRO B 182 0.35 -0.04 17.71
C PRO B 182 0.43 -1.55 17.54
N VAL B 183 0.53 -2.27 18.66
CA VAL B 183 0.35 -3.73 18.70
C VAL B 183 -1.16 -4.02 18.76
N VAL B 184 -1.66 -4.81 17.80
CA VAL B 184 -3.11 -4.98 17.61
C VAL B 184 -3.53 -6.42 17.76
N ALA B 185 -4.36 -6.69 18.75
CA ALA B 185 -4.81 -8.04 19.03
C ALA B 185 -6.21 -8.28 18.46
N VAL B 186 -6.40 -9.43 17.84
CA VAL B 186 -7.66 -9.72 17.17
C VAL B 186 -8.24 -11.05 17.60
N MET B 187 -9.54 -11.04 17.90
CA MET B 187 -10.31 -12.23 18.25
C MET B 187 -11.63 -12.29 17.51
N SER B 188 -12.18 -13.46 17.43
CA SER B 188 -13.49 -13.69 16.90
C SER B 188 -14.33 -14.25 17.99
N THR B 189 -15.54 -13.76 18.15
CA THR B 189 -16.47 -14.26 19.16
C THR B 189 -17.67 -14.87 18.50
N GLY B 190 -18.19 -15.92 19.06
CA GLY B 190 -19.36 -16.59 18.52
C GLY B 190 -19.35 -18.07 18.73
N ASN B 191 -20.50 -18.61 19.00
CA ASN B 191 -20.61 -20.02 19.31
C ASN B 191 -20.73 -20.81 18.07
N GLU B 192 -20.91 -20.16 16.95
CA GLU B 192 -21.03 -20.81 15.67
C GLU B 192 -19.79 -20.92 14.88
N LEU B 193 -18.70 -20.40 15.40
CA LEU B 193 -17.44 -20.33 14.64
C LEU B 193 -16.52 -21.52 14.87
N LEU B 194 -16.02 -22.08 13.77
CA LEU B 194 -14.93 -23.04 13.81
C LEU B 194 -13.74 -22.43 13.09
N ASN B 195 -12.54 -22.91 13.43
CA ASN B 195 -11.34 -22.51 12.72
C ASN B 195 -11.40 -22.92 11.25
N PRO B 196 -10.73 -22.15 10.38
CA PRO B 196 -10.69 -22.41 8.94
C PRO B 196 -10.25 -23.83 8.60
N GLU B 197 -9.42 -24.40 9.46
CA GLU B 197 -8.83 -25.71 9.24
C GLU B 197 -9.81 -26.85 9.52
N ASP B 198 -10.85 -26.58 10.32
CA ASP B 198 -11.85 -27.58 10.73
C ASP B 198 -12.85 -27.85 9.61
N ASP B 199 -13.41 -29.06 9.59
CA ASP B 199 -14.55 -29.37 8.72
C ASP B 199 -15.82 -28.85 9.37
N LEU B 200 -16.80 -28.47 8.56
CA LEU B 200 -18.04 -27.93 9.09
C LEU B 200 -18.77 -28.97 9.94
N LEU B 201 -19.51 -28.46 10.92
CA LEU B 201 -20.37 -29.25 11.77
C LEU B 201 -21.75 -28.60 11.75
N PRO B 202 -22.78 -29.34 12.19
CA PRO B 202 -24.15 -28.81 12.22
C PRO B 202 -24.26 -27.42 12.82
N GLY B 203 -24.87 -26.50 12.08
CA GLY B 203 -25.15 -25.15 12.58
C GLY B 203 -23.96 -24.21 12.67
N LYS B 204 -22.80 -24.67 12.20
CA LYS B 204 -21.55 -23.93 12.38
C LYS B 204 -20.91 -23.53 11.06
N ILE B 205 -20.10 -22.46 11.09
CA ILE B 205 -19.36 -21.94 9.92
C ILE B 205 -17.93 -21.62 10.32
N ARG B 206 -17.08 -21.37 9.34
CA ARG B 206 -15.67 -21.10 9.60
C ARG B 206 -15.48 -19.63 9.94
N ASP B 207 -14.55 -19.37 10.85
CA ASP B 207 -14.20 -18.02 11.25
C ASP B 207 -13.34 -17.35 10.16
N SER B 208 -13.93 -16.41 9.41
CA SER B 208 -13.24 -15.70 8.33
C SER B 208 -12.71 -14.30 8.69
N ASN B 209 -13.35 -13.65 9.65
CA ASN B 209 -13.02 -12.29 10.02
C ASN B 209 -11.66 -12.15 10.68
N ARG B 210 -11.27 -13.12 11.46
CA ARG B 210 -10.00 -13.08 12.17
C ARG B 210 -8.85 -12.94 11.16
N SER B 211 -8.88 -13.76 10.13
CA SER B 211 -7.84 -13.75 9.10
C SER B 211 -7.86 -12.47 8.29
N THR B 212 -9.08 -12.00 7.99
CA THR B 212 -9.25 -10.83 7.14
C THR B 212 -8.76 -9.59 7.85
N LEU B 213 -9.03 -9.50 9.16
CA LEU B 213 -8.65 -8.34 9.95
C LEU B 213 -7.15 -8.32 10.19
N LEU B 214 -6.61 -9.44 10.66
CA LEU B 214 -5.17 -9.56 10.85
C LEU B 214 -4.40 -9.24 9.56
N ALA B 215 -4.92 -9.65 8.42
CA ALA B 215 -4.27 -9.38 7.12
C ALA B 215 -4.35 -7.90 6.75
N THR B 216 -5.48 -7.31 7.07
CA THR B 216 -5.69 -5.91 6.82
C THR B 216 -4.72 -5.07 7.65
N ILE B 217 -4.66 -5.31 8.95
CA ILE B 217 -3.80 -4.49 9.77
C ILE B 217 -2.34 -4.81 9.41
N GLN B 218 -2.02 -6.08 9.11
CA GLN B 218 -0.69 -6.44 8.55
C GLN B 218 -0.31 -5.64 7.29
N GLU B 219 -1.26 -5.43 6.38
CA GLU B 219 -0.97 -4.67 5.16
C GLU B 219 -0.35 -3.31 5.51
N HIS B 220 -0.85 -2.65 6.56
CA HIS B 220 -0.32 -1.36 7.01
C HIS B 220 0.95 -1.51 7.82
N GLY B 221 1.32 -2.74 8.11
CA GLY B 221 2.61 -3.02 8.71
C GLY B 221 2.71 -2.88 10.21
N TYR B 222 1.58 -2.92 10.91
CA TYR B 222 1.62 -2.93 12.37
C TYR B 222 1.65 -4.38 12.84
N PRO B 223 2.31 -4.65 13.99
CA PRO B 223 2.38 -5.98 14.51
C PRO B 223 1.04 -6.40 15.11
N THR B 224 0.71 -7.69 14.96
CA THR B 224 -0.57 -8.21 15.44
C THR B 224 -0.47 -9.42 16.34
N ILE B 225 -1.55 -9.72 17.03
CA ILE B 225 -1.61 -10.83 17.99
C ILE B 225 -2.92 -11.59 17.83
N ASN B 226 -2.81 -12.87 17.53
CA ASN B 226 -3.98 -13.67 17.25
C ASN B 226 -4.46 -14.34 18.53
N LEU B 227 -5.57 -13.87 19.09
CA LEU B 227 -6.17 -14.46 20.30
C LEU B 227 -7.13 -15.61 19.97
N GLY B 228 -7.47 -15.77 18.70
CA GLY B 228 -8.29 -16.89 18.25
C GLY B 228 -9.78 -16.73 18.48
N ILE B 229 -10.50 -17.85 18.41
CA ILE B 229 -11.95 -17.86 18.59
C ILE B 229 -12.23 -17.83 20.09
N VAL B 230 -13.25 -17.08 20.50
CA VAL B 230 -13.61 -16.97 21.89
C VAL B 230 -15.10 -17.22 22.04
N GLY B 231 -15.47 -17.99 23.06
CA GLY B 231 -16.88 -18.32 23.28
C GLY B 231 -17.70 -17.13 23.70
N ASP B 232 -18.95 -17.07 23.25
CA ASP B 232 -19.84 -15.93 23.53
C ASP B 232 -20.41 -16.03 24.96
N ASN B 233 -19.60 -15.66 25.94
CA ASN B 233 -20.01 -15.69 27.34
C ASN B 233 -19.04 -14.90 28.23
N PRO B 234 -19.54 -14.35 29.35
CA PRO B 234 -18.70 -13.50 30.19
C PRO B 234 -17.32 -14.06 30.57
N ASP B 235 -17.26 -15.30 31.05
CA ASP B 235 -15.97 -15.89 31.48
C ASP B 235 -14.95 -15.84 30.35
N ASP B 236 -15.31 -16.45 29.21
CA ASP B 236 -14.39 -16.54 28.07
C ASP B 236 -14.02 -15.18 27.45
N LEU B 237 -14.92 -14.20 27.52
CA LEU B 237 -14.64 -12.88 26.97
C LEU B 237 -13.68 -12.11 27.85
N LEU B 238 -13.95 -12.13 29.16
CA LEU B 238 -13.10 -11.44 30.13
C LEU B 238 -11.64 -11.93 30.09
N ASN B 239 -11.44 -13.23 29.87
CA ASN B 239 -10.09 -13.78 29.74
C ASN B 239 -9.34 -13.27 28.51
N ALA B 240 -10.00 -13.37 27.36
CA ALA B 240 -9.40 -12.91 26.11
C ALA B 240 -9.16 -11.42 26.14
N LEU B 241 -10.12 -10.65 26.64
CA LEU B 241 -9.96 -9.19 26.66
C LEU B 241 -8.78 -8.82 27.55
N ASN B 242 -8.73 -9.43 28.73
CA ASN B 242 -7.60 -9.24 29.64
C ASN B 242 -6.27 -9.60 28.98
N GLU B 243 -6.23 -10.71 28.27
CA GLU B 243 -4.99 -11.14 27.60
C GLU B 243 -4.64 -10.14 26.51
N GLY B 244 -5.65 -9.75 25.74
CA GLY B 244 -5.49 -8.71 24.73
C GLY B 244 -4.97 -7.43 25.34
N ILE B 245 -5.60 -7.01 26.44
CA ILE B 245 -5.23 -5.78 27.13
C ILE B 245 -3.78 -5.76 27.64
N SER B 246 -3.32 -6.87 28.20
CA SER B 246 -1.95 -6.91 28.74
C SER B 246 -0.90 -7.00 27.63
N ARG B 247 -1.27 -7.52 26.46
CA ARG B 247 -0.31 -7.71 25.35
C ARG B 247 -0.37 -6.67 24.22
N ALA B 248 -1.42 -5.85 24.17
CA ALA B 248 -1.69 -5.02 23.00
C ALA B 248 -2.19 -3.60 23.33
N ASP B 249 -2.09 -2.71 22.35
CA ASP B 249 -2.62 -1.33 22.46
C ASP B 249 -4.05 -1.26 21.95
N VAL B 250 -4.36 -2.10 20.95
CA VAL B 250 -5.69 -2.17 20.40
C VAL B 250 -6.18 -3.61 20.50
N ILE B 251 -7.43 -3.78 20.90
CA ILE B 251 -8.06 -5.08 20.92
C ILE B 251 -9.28 -5.01 20.02
N ILE B 252 -9.31 -5.89 19.04
CA ILE B 252 -10.41 -5.92 18.09
C ILE B 252 -11.13 -7.24 18.18
N THR B 253 -12.45 -7.18 18.22
CA THR B 253 -13.25 -8.37 18.23
C THR B 253 -14.29 -8.31 17.14
N SER B 254 -14.56 -9.46 16.55
CA SER B 254 -15.59 -9.58 15.55
C SER B 254 -16.67 -10.52 16.05
N GLY B 255 -17.92 -10.19 15.74
CA GLY B 255 -19.04 -11.06 16.08
C GLY B 255 -19.53 -10.94 17.50
N GLY B 256 -20.52 -11.74 17.83
CA GLY B 256 -21.19 -11.66 19.12
C GLY B 256 -22.56 -11.05 18.94
N VAL B 257 -23.46 -11.37 19.87
CA VAL B 257 -24.87 -10.98 19.78
C VAL B 257 -25.10 -9.67 20.54
N SER B 258 -26.09 -8.88 20.10
CA SER B 258 -26.45 -7.61 20.76
C SER B 258 -27.97 -7.38 20.76
N MET B 259 -28.70 -8.45 21.10
CA MET B 259 -30.14 -8.41 21.33
C MET B 259 -30.34 -8.59 22.83
N GLY B 260 -31.08 -7.68 23.45
CA GLY B 260 -31.37 -7.75 24.89
C GLY B 260 -30.16 -7.96 25.79
N GLU B 261 -30.19 -9.04 26.58
CA GLU B 261 -29.20 -9.29 27.64
C GLU B 261 -28.04 -10.22 27.24
N LYS B 262 -28.12 -10.84 26.06
CA LYS B 262 -27.04 -11.72 25.62
C LYS B 262 -25.83 -10.93 25.07
N ASP B 263 -25.85 -9.60 25.20
CA ASP B 263 -24.69 -8.80 24.83
C ASP B 263 -23.61 -8.88 25.90
N TYR B 264 -23.07 -10.09 26.06
CA TYR B 264 -22.06 -10.37 27.07
C TYR B 264 -20.81 -9.50 26.91
N LEU B 265 -20.55 -9.02 25.70
CA LEU B 265 -19.38 -8.18 25.47
C LEU B 265 -19.58 -6.80 26.08
N LYS B 266 -20.63 -6.10 25.68
CA LYS B 266 -20.91 -4.78 26.21
C LYS B 266 -21.11 -4.86 27.70
N GLN B 267 -21.63 -5.99 28.17
CA GLN B 267 -21.83 -6.25 29.59
C GLN B 267 -20.50 -6.43 30.33
N VAL B 268 -19.55 -7.11 29.71
CA VAL B 268 -18.21 -7.32 30.30
C VAL B 268 -17.35 -6.03 30.25
N LEU B 269 -17.46 -5.28 29.17
CA LEU B 269 -16.74 -4.02 29.04
C LEU B 269 -17.12 -3.05 30.16
N ASP B 270 -18.42 -2.98 30.42
CA ASP B 270 -18.97 -2.04 31.41
C ASP B 270 -18.77 -2.55 32.85
N ILE B 271 -19.37 -3.69 33.18
CA ILE B 271 -19.29 -4.22 34.55
C ILE B 271 -17.87 -4.64 34.96
N ASP B 272 -17.29 -5.60 34.24
CA ASP B 272 -16.03 -6.25 34.69
C ASP B 272 -14.79 -5.38 34.46
N LEU B 273 -14.63 -4.82 33.26
CA LEU B 273 -13.44 -4.02 32.93
C LEU B 273 -13.57 -2.52 33.23
N HIS B 274 -14.80 -2.09 33.51
CA HIS B 274 -15.10 -0.68 33.74
C HIS B 274 -14.50 0.17 32.64
N ALA B 275 -14.65 -0.32 31.41
CA ALA B 275 -14.30 0.44 30.23
C ALA B 275 -15.38 1.48 30.03
N GLN B 276 -15.17 2.32 29.05
CA GLN B 276 -16.10 3.35 28.70
C GLN B 276 -16.47 3.22 27.24
N ILE B 277 -17.77 3.12 26.99
CA ILE B 277 -18.29 2.83 25.67
C ILE B 277 -18.83 4.11 25.02
N HIS B 278 -18.12 4.62 24.01
CA HIS B 278 -18.46 5.91 23.41
C HIS B 278 -19.59 5.83 22.39
N PHE B 279 -19.68 4.70 21.70
CA PHE B 279 -20.86 4.36 20.92
C PHE B 279 -20.98 2.86 20.73
N GLY B 280 -22.22 2.40 20.55
CA GLY B 280 -22.53 0.99 20.36
C GLY B 280 -23.35 0.69 19.12
N ARG B 281 -23.81 1.74 18.45
CA ARG B 281 -24.51 1.60 17.19
C ARG B 281 -24.30 2.84 16.33
N VAL B 282 -24.17 2.63 15.04
CA VAL B 282 -23.90 3.75 14.17
C VAL B 282 -24.75 3.65 12.90
N PHE B 283 -25.29 4.79 12.49
CA PHE B 283 -26.28 4.83 11.43
C PHE B 283 -25.55 4.74 10.10
N MET B 284 -25.17 3.51 9.75
CA MET B 284 -24.37 3.24 8.56
C MET B 284 -24.77 1.90 7.97
N LYS B 285 -24.29 1.61 6.75
CA LYS B 285 -24.52 0.31 6.13
C LYS B 285 -23.35 -0.08 5.25
N PRO B 286 -22.74 -1.24 5.50
CA PRO B 286 -23.01 -2.17 6.58
C PRO B 286 -22.40 -1.65 7.87
N GLY B 287 -22.62 -2.39 8.96
CA GLY B 287 -21.86 -2.15 10.18
C GLY B 287 -22.55 -1.34 11.24
N LEU B 288 -23.87 -1.27 11.15
CA LEU B 288 -24.66 -0.60 12.17
C LEU B 288 -24.27 -1.05 13.59
N PRO B 289 -24.12 -2.36 13.83
CA PRO B 289 -23.85 -2.84 15.20
C PRO B 289 -22.44 -2.62 15.79
N THR B 290 -21.67 -1.69 15.25
CA THR B 290 -20.30 -1.45 15.70
C THR B 290 -20.21 -0.73 17.06
N THR B 291 -19.21 -1.12 17.85
CA THR B 291 -18.98 -0.58 19.17
C THR B 291 -17.55 -0.10 19.31
N PHE B 292 -17.36 1.04 19.96
CA PHE B 292 -16.00 1.56 20.22
C PHE B 292 -15.91 1.95 21.70
N ALA B 293 -14.83 1.50 22.34
CA ALA B 293 -14.59 1.81 23.77
C ALA B 293 -13.12 2.09 24.08
N THR B 294 -12.88 2.83 25.16
CA THR B 294 -11.53 3.04 25.64
C THR B 294 -11.48 2.57 27.07
N LEU B 295 -10.29 2.21 27.52
CA LEU B 295 -10.10 1.75 28.86
C LEU B 295 -8.79 2.36 29.34
N ASP B 296 -8.87 3.16 30.39
CA ASP B 296 -7.68 3.77 30.96
C ASP B 296 -7.13 2.90 32.08
N ILE B 297 -5.99 2.27 31.80
CA ILE B 297 -5.31 1.37 32.70
C ILE B 297 -3.91 1.90 32.99
N ASP B 298 -3.63 2.20 34.24
CA ASP B 298 -2.31 2.70 34.68
C ASP B 298 -1.85 3.93 33.88
N GLY B 299 -2.82 4.78 33.48
CA GLY B 299 -2.52 6.01 32.70
C GLY B 299 -2.45 5.79 31.20
N VAL B 300 -2.08 4.58 30.79
CA VAL B 300 -2.13 4.16 29.41
C VAL B 300 -3.60 4.03 29.02
N ARG B 301 -3.94 4.47 27.81
CA ARG B 301 -5.26 4.24 27.23
C ARG B 301 -5.18 3.15 26.16
N LYS B 302 -5.84 2.01 26.41
CA LYS B 302 -6.02 0.97 25.38
C LYS B 302 -7.33 1.29 24.66
N ILE B 303 -7.45 0.90 23.39
CA ILE B 303 -8.72 1.06 22.66
C ILE B 303 -9.30 -0.24 22.12
N ILE B 304 -10.63 -0.34 22.15
CA ILE B 304 -11.32 -1.58 21.90
C ILE B 304 -12.41 -1.40 20.85
N PHE B 305 -12.39 -2.23 19.82
CA PHE B 305 -13.42 -2.19 18.79
C PHE B 305 -14.15 -3.50 18.82
N ALA B 306 -15.47 -3.46 18.81
CA ALA B 306 -16.28 -4.66 18.55
C ALA B 306 -17.03 -4.48 17.25
N LEU B 307 -16.51 -5.11 16.19
CA LEU B 307 -17.13 -5.02 14.88
C LEU B 307 -18.16 -6.14 14.73
N PRO B 308 -19.09 -5.99 13.77
CA PRO B 308 -20.13 -6.99 13.51
C PRO B 308 -19.57 -8.27 12.92
N GLY B 309 -20.25 -9.37 13.18
CA GLY B 309 -19.87 -10.67 12.64
C GLY B 309 -19.91 -10.75 11.12
N ASN B 310 -20.86 -10.06 10.50
CA ASN B 310 -20.99 -10.07 9.05
C ASN B 310 -19.62 -9.76 8.43
N PRO B 311 -19.11 -10.65 7.56
CA PRO B 311 -17.76 -10.47 7.01
C PRO B 311 -17.59 -9.18 6.23
N VAL B 312 -18.62 -8.73 5.53
CA VAL B 312 -18.49 -7.49 4.78
C VAL B 312 -18.40 -6.33 5.75
N SER B 313 -19.22 -6.36 6.81
CA SER B 313 -19.19 -5.31 7.82
C SER B 313 -17.82 -5.19 8.46
N ALA B 314 -17.28 -6.33 8.90
CA ALA B 314 -15.94 -6.38 9.53
C ALA B 314 -14.88 -5.61 8.75
N VAL B 315 -14.71 -5.96 7.47
CA VAL B 315 -13.70 -5.31 6.64
C VAL B 315 -14.02 -3.85 6.35
N VAL B 316 -15.30 -3.52 6.21
CA VAL B 316 -15.67 -2.14 5.96
C VAL B 316 -15.38 -1.26 7.18
N THR B 317 -15.84 -1.72 8.34
CA THR B 317 -15.68 -0.97 9.57
C THR B 317 -14.22 -0.87 9.93
N CYS B 318 -13.47 -1.96 9.78
CA CYS B 318 -12.05 -1.95 10.06
C CYS B 318 -11.42 -0.78 9.33
N ASN B 319 -11.78 -0.62 8.06
CA ASN B 319 -11.21 0.45 7.24
C ASN B 319 -11.70 1.84 7.55
N LEU B 320 -12.94 1.98 7.98
CA LEU B 320 -13.50 3.31 8.27
C LEU B 320 -13.05 3.82 9.62
N PHE B 321 -12.94 2.94 10.60
CA PHE B 321 -12.65 3.33 11.97
C PHE B 321 -11.27 2.90 12.45
N VAL B 322 -10.95 1.63 12.30
CA VAL B 322 -9.73 1.07 12.92
C VAL B 322 -8.46 1.63 12.30
N VAL B 323 -8.34 1.52 11.00
CA VAL B 323 -7.11 1.97 10.38
C VAL B 323 -6.78 3.45 10.71
N PRO B 324 -7.74 4.36 10.53
CA PRO B 324 -7.51 5.75 10.95
C PRO B 324 -6.98 5.88 12.39
N ALA B 325 -7.56 5.12 13.31
CA ALA B 325 -7.13 5.13 14.70
C ALA B 325 -5.68 4.63 14.87
N LEU B 326 -5.38 3.49 14.23
CA LEU B 326 -4.02 2.99 14.19
C LEU B 326 -3.05 4.01 13.56
N ARG B 327 -3.50 4.73 12.53
CA ARG B 327 -2.65 5.75 11.90
C ARG B 327 -2.33 6.87 12.88
N LYS B 328 -3.31 7.25 13.68
CA LYS B 328 -3.08 8.24 14.69
C LYS B 328 -2.15 7.68 15.76
N MET B 329 -2.39 6.47 16.24
CA MET B 329 -1.51 5.91 17.27
C MET B 329 -0.05 5.97 16.84
N GLN B 330 0.15 5.78 15.53
CA GLN B 330 1.44 5.69 14.90
C GLN B 330 2.09 7.06 14.63
N GLY B 331 1.35 8.13 14.89
CA GLY B 331 1.87 9.51 14.90
C GLY B 331 1.65 10.30 13.63
N ILE B 332 0.76 9.83 12.77
CA ILE B 332 0.48 10.51 11.51
C ILE B 332 -0.41 11.74 11.77
N LEU B 333 -0.05 12.87 11.15
CA LEU B 333 -0.70 14.13 11.48
C LEU B 333 -2.14 14.25 10.98
N ASP B 334 -2.40 13.75 9.78
CA ASP B 334 -3.77 13.57 9.33
C ASP B 334 -3.97 12.09 9.06
N PRO B 335 -4.57 11.36 10.02
CA PRO B 335 -4.77 9.93 9.88
C PRO B 335 -6.00 9.59 9.04
N ARG B 336 -6.67 10.60 8.49
CA ARG B 336 -7.87 10.37 7.73
C ARG B 336 -7.49 9.81 6.38
N PRO B 337 -8.32 8.96 5.81
CA PRO B 337 -8.01 8.34 4.53
C PRO B 337 -8.09 9.30 3.35
N THR B 338 -7.47 8.91 2.23
CA THR B 338 -7.58 9.67 1.00
C THR B 338 -8.91 9.33 0.35
N ILE B 339 -9.73 10.34 0.09
CA ILE B 339 -10.98 10.19 -0.65
C ILE B 339 -10.77 10.78 -2.04
N ILE B 340 -11.10 10.02 -3.07
CA ILE B 340 -10.92 10.50 -4.45
C ILE B 340 -12.25 10.47 -5.21
N LYS B 341 -12.40 11.36 -6.19
CA LYS B 341 -13.55 11.31 -7.06
C LYS B 341 -13.36 10.19 -8.08
N ALA B 342 -14.45 9.50 -8.40
CA ALA B 342 -14.50 8.41 -9.38
C ALA B 342 -15.86 8.36 -10.06
N ARG B 343 -16.00 7.63 -11.17
CA ARG B 343 -17.27 7.55 -11.90
C ARG B 343 -17.97 6.21 -11.70
N LEU B 344 -19.23 6.27 -11.30
CA LEU B 344 -19.99 5.09 -10.89
C LEU B 344 -20.19 4.14 -12.06
N SER B 345 -19.79 2.89 -11.90
CA SER B 345 -19.89 1.92 -12.98
C SER B 345 -21.28 1.26 -13.12
N CYS B 346 -22.04 1.19 -12.02
CA CYS B 346 -23.32 0.48 -12.02
C CYS B 346 -24.43 1.19 -11.23
N ASP B 347 -25.61 1.32 -11.83
CA ASP B 347 -26.78 1.92 -11.17
C ASP B 347 -27.00 1.36 -9.76
N VAL B 348 -27.64 2.15 -8.90
CA VAL B 348 -27.93 1.72 -7.53
C VAL B 348 -28.93 2.64 -6.83
N LYS B 349 -29.89 2.03 -6.12
CA LYS B 349 -30.83 2.76 -5.27
C LYS B 349 -30.11 3.13 -3.98
N LEU B 350 -30.47 4.27 -3.38
CA LEU B 350 -29.80 4.70 -2.14
C LEU B 350 -30.55 4.19 -0.92
N ASP B 351 -29.79 3.78 0.10
CA ASP B 351 -30.37 3.43 1.39
C ASP B 351 -30.51 4.73 2.19
N PRO B 352 -31.45 4.77 3.14
CA PRO B 352 -31.49 5.93 4.04
C PRO B 352 -30.19 6.08 4.85
N ARG B 353 -29.48 4.98 5.09
CA ARG B 353 -28.21 5.03 5.79
C ARG B 353 -27.13 5.28 4.78
N PRO B 354 -26.09 6.05 5.16
CA PRO B 354 -24.95 6.12 4.26
C PRO B 354 -24.40 4.73 4.09
N GLU B 355 -24.11 4.33 2.86
CA GLU B 355 -23.70 2.97 2.59
C GLU B 355 -22.27 2.91 2.05
N TYR B 356 -21.61 1.77 2.22
CA TYR B 356 -20.21 1.63 1.81
C TYR B 356 -19.98 0.30 1.11
N HIS B 357 -19.51 0.35 -0.13
CA HIS B 357 -19.33 -0.86 -0.94
C HIS B 357 -17.87 -1.06 -1.26
N ARG B 358 -17.37 -2.27 -1.10
CA ARG B 358 -16.02 -2.58 -1.54
C ARG B 358 -16.02 -2.48 -3.06
N CYS B 359 -15.11 -1.68 -3.62
CA CYS B 359 -15.06 -1.48 -5.07
C CYS B 359 -13.65 -1.51 -5.65
N ILE B 360 -13.58 -1.74 -6.95
CA ILE B 360 -12.31 -1.79 -7.65
C ILE B 360 -12.18 -0.53 -8.47
N LEU B 361 -11.01 0.10 -8.39
CA LEU B 361 -10.75 1.34 -9.10
C LEU B 361 -9.92 1.04 -10.33
N THR B 362 -10.37 1.53 -11.50
CA THR B 362 -9.62 1.39 -12.73
C THR B 362 -9.55 2.73 -13.41
N TRP B 363 -8.35 3.11 -13.83
CA TRP B 363 -8.15 4.29 -14.65
C TRP B 363 -8.05 3.82 -16.08
N HIS B 364 -9.07 4.13 -16.87
CA HIS B 364 -9.14 3.70 -18.26
C HIS B 364 -8.48 4.70 -19.15
N HIS B 365 -8.25 4.24 -20.38
CA HIS B 365 -7.40 4.93 -21.31
C HIS B 365 -7.83 6.36 -21.59
N GLN B 366 -6.93 7.29 -21.26
CA GLN B 366 -7.09 8.73 -21.48
C GLN B 366 -8.27 9.39 -20.77
N GLU B 367 -8.95 8.66 -19.90
CA GLU B 367 -10.12 9.19 -19.21
C GLU B 367 -9.68 9.75 -17.88
N PRO B 368 -10.08 11.00 -17.59
CA PRO B 368 -9.55 11.75 -16.42
C PRO B 368 -9.91 11.11 -15.07
N LEU B 369 -11.12 10.60 -14.94
CA LEU B 369 -11.54 10.01 -13.68
C LEU B 369 -11.53 8.49 -13.76
N PRO B 370 -11.19 7.84 -12.64
CA PRO B 370 -11.27 6.39 -12.58
C PRO B 370 -12.70 5.93 -12.42
N TRP B 371 -12.96 4.70 -12.83
CA TRP B 371 -14.28 4.12 -12.70
C TRP B 371 -14.29 3.21 -11.50
N ALA B 372 -15.34 3.36 -10.68
CA ALA B 372 -15.49 2.59 -9.48
C ALA B 372 -16.53 1.51 -9.68
N GLN B 373 -16.07 0.26 -9.67
CA GLN B 373 -16.91 -0.88 -9.92
C GLN B 373 -17.17 -1.60 -8.61
N SER B 374 -18.42 -1.47 -8.14
CA SER B 374 -18.84 -2.07 -6.89
C SER B 374 -18.80 -3.58 -7.00
N THR B 375 -18.42 -4.25 -5.91
CA THR B 375 -18.57 -5.71 -5.83
C THR B 375 -19.95 -6.09 -5.25
N GLY B 376 -20.63 -5.15 -4.58
CA GLY B 376 -21.98 -5.41 -4.08
C GLY B 376 -21.98 -6.17 -2.77
N LEU B 383 -18.86 -11.59 -8.45
CA LEU B 383 -18.13 -10.68 -9.33
C LEU B 383 -16.62 -10.95 -9.25
N MET B 384 -16.13 -11.69 -10.24
CA MET B 384 -14.85 -12.39 -10.19
C MET B 384 -13.72 -11.64 -10.91
N SER B 385 -13.37 -10.47 -10.36
CA SER B 385 -12.20 -9.71 -10.80
C SER B 385 -10.92 -10.49 -10.45
N MET B 386 -9.88 -10.34 -11.30
CA MET B 386 -8.54 -10.85 -10.98
C MET B 386 -7.83 -9.96 -9.93
N ARG B 387 -8.53 -8.92 -9.48
CA ARG B 387 -7.90 -7.82 -8.79
C ARG B 387 -8.60 -7.54 -7.45
N SER B 388 -7.78 -7.33 -6.43
CA SER B 388 -8.27 -7.12 -5.07
C SER B 388 -8.98 -5.78 -4.98
N ALA B 389 -10.01 -5.71 -4.13
CA ALA B 389 -10.79 -4.48 -3.96
C ALA B 389 -9.92 -3.30 -3.54
N ASN B 390 -10.06 -2.21 -4.30
CA ASN B 390 -9.13 -1.10 -4.30
C ASN B 390 -9.59 0.03 -3.38
N GLY B 391 -10.92 0.19 -3.27
CA GLY B 391 -11.52 1.27 -2.50
C GLY B 391 -12.87 0.95 -1.89
N LEU B 392 -13.38 1.88 -1.08
CA LEU B 392 -14.75 1.84 -0.57
C LEU B 392 -15.54 2.92 -1.27
N LEU B 393 -16.53 2.49 -2.05
CA LEU B 393 -17.48 3.39 -2.68
C LEU B 393 -18.34 3.97 -1.58
N MET B 394 -18.30 5.28 -1.42
CA MET B 394 -19.02 5.96 -0.38
C MET B 394 -20.29 6.49 -0.97
N LEU B 395 -21.36 5.73 -0.87
CA LEU B 395 -22.66 6.20 -1.32
C LEU B 395 -23.22 7.17 -0.30
N PRO B 396 -23.95 8.19 -0.76
CA PRO B 396 -24.61 9.10 0.14
C PRO B 396 -25.91 8.51 0.67
N PRO B 397 -26.56 9.18 1.63
CA PRO B 397 -27.84 8.70 2.13
C PRO B 397 -28.97 9.15 1.22
N LYS B 398 -30.06 8.37 1.18
CA LYS B 398 -31.23 8.72 0.37
C LYS B 398 -31.72 10.13 0.77
N THR B 399 -32.08 10.90 -0.24
CA THR B 399 -32.82 12.16 -0.06
C THR B 399 -33.83 12.24 -1.19
N GLU B 400 -34.74 13.22 -1.14
CA GLU B 400 -35.80 13.34 -2.17
C GLU B 400 -35.26 13.65 -3.58
N GLN B 401 -34.10 14.30 -3.65
CA GLN B 401 -33.47 14.67 -4.92
C GLN B 401 -32.47 13.62 -5.39
N TYR B 402 -32.20 12.64 -4.54
CA TYR B 402 -31.35 11.51 -4.89
C TYR B 402 -31.94 10.22 -4.35
N VAL B 403 -32.88 9.66 -5.11
CA VAL B 403 -33.50 8.38 -4.80
C VAL B 403 -32.61 7.24 -5.29
N GLU B 404 -31.96 7.47 -6.44
CA GLU B 404 -31.00 6.52 -7.01
C GLU B 404 -29.82 7.24 -7.63
N LEU B 405 -28.80 6.47 -8.00
CA LEU B 405 -27.62 6.98 -8.70
C LEU B 405 -27.43 6.19 -9.99
N HIS B 406 -27.00 6.86 -11.05
CA HIS B 406 -26.86 6.20 -12.36
C HIS B 406 -25.40 6.05 -12.75
N LYS B 407 -25.11 5.03 -13.56
CA LYS B 407 -23.78 4.83 -14.14
C LYS B 407 -23.27 6.13 -14.75
N GLY B 408 -22.03 6.49 -14.40
CA GLY B 408 -21.39 7.68 -14.95
C GLY B 408 -21.29 8.83 -13.98
N GLU B 409 -22.07 8.80 -12.91
CA GLU B 409 -22.14 9.94 -11.99
C GLU B 409 -20.92 9.99 -11.11
N VAL B 410 -20.44 11.19 -10.83
CA VAL B 410 -19.25 11.36 -10.00
C VAL B 410 -19.56 11.08 -8.52
N VAL B 411 -18.83 10.14 -7.93
CA VAL B 411 -18.99 9.71 -6.52
C VAL B 411 -17.66 9.69 -5.77
N ASP B 412 -17.73 9.72 -4.44
CA ASP B 412 -16.55 9.65 -3.61
C ASP B 412 -16.16 8.20 -3.37
N VAL B 413 -14.89 7.88 -3.63
CA VAL B 413 -14.33 6.57 -3.26
C VAL B 413 -13.15 6.74 -2.30
N MET B 414 -13.16 5.97 -1.23
CA MET B 414 -12.09 5.99 -0.28
C MET B 414 -11.09 4.97 -0.73
N VAL B 415 -9.81 5.34 -0.77
CA VAL B 415 -8.77 4.41 -1.19
C VAL B 415 -8.43 3.51 -0.02
N ILE B 416 -8.44 2.18 -0.21
CA ILE B 416 -8.10 1.25 0.90
C ILE B 416 -6.87 0.34 0.75
N GLY B 417 -6.25 0.32 -0.43
CA GLY B 417 -5.01 -0.42 -0.64
C GLY B 417 -4.31 0.13 -1.86
N ARG B 418 -3.26 -0.57 -2.25
CA ARG B 418 -2.38 -0.12 -3.33
C ARG B 418 -3.14 0.11 -4.62
N LEU B 419 -2.90 1.26 -5.25
CA LEU B 419 -3.40 1.57 -6.60
C LEU B 419 -2.41 1.05 -7.63
N PHE C 1 -1.93 2.17 -22.99
CA PHE C 1 -0.86 2.36 -21.97
C PHE C 1 0.36 3.07 -22.56
N ASN C 2 0.82 4.10 -21.87
CA ASN C 2 1.93 4.91 -22.32
C ASN C 2 2.93 5.12 -21.16
N ILE C 3 4.14 4.58 -21.29
CA ILE C 3 5.17 4.85 -20.29
C ILE C 3 5.75 6.25 -20.40
N VAL C 4 5.83 6.83 -21.59
CA VAL C 4 6.25 8.22 -21.62
C VAL C 4 4.98 9.06 -21.47
N GLY C 5 5.07 10.14 -20.69
CA GLY C 5 3.91 10.96 -20.40
C GLY C 5 3.47 11.83 -21.55
N THR C 6 2.21 12.25 -21.53
CA THR C 6 1.66 13.03 -22.62
C THR C 6 1.01 14.29 -22.12
N THR C 7 0.81 15.18 -23.08
CA THR C 7 -0.15 16.26 -22.99
C THR C 7 -0.76 16.33 -24.38
N TYR C 8 -1.90 16.99 -24.53
CA TYR C 8 -2.47 17.24 -25.83
C TYR C 8 -3.37 18.46 -25.74
N PRO C 9 -3.30 19.36 -26.74
CA PRO C 9 -4.06 20.61 -26.58
C PRO C 9 -5.58 20.45 -26.67
N ILE C 10 -6.30 21.37 -26.03
CA ILE C 10 -7.77 21.47 -26.13
C ILE C 10 -8.27 22.83 -26.65
N ASN C 11 -7.37 23.82 -26.76
CA ASN C 11 -7.65 25.24 -27.14
C ASN C 11 -8.94 25.90 -26.61
N PHE D 1 -13.00 17.57 4.08
CA PHE D 1 -13.07 16.10 4.27
C PHE D 1 -14.36 15.65 4.96
N ASN D 2 -15.04 14.66 4.38
CA ASN D 2 -16.20 14.06 5.01
C ASN D 2 -16.24 12.56 4.73
N ILE D 3 -16.67 11.78 5.75
CA ILE D 3 -16.62 10.33 5.66
C ILE D 3 -17.95 9.69 5.21
N VAL D 4 -18.96 10.53 5.03
CA VAL D 4 -20.22 10.12 4.39
C VAL D 4 -20.22 10.47 2.88
N GLY D 5 -20.68 9.53 2.06
CA GLY D 5 -20.73 9.73 0.62
C GLY D 5 -21.39 11.04 0.19
N THR D 6 -20.84 11.67 -0.86
CA THR D 6 -21.30 12.96 -1.33
C THR D 6 -21.55 12.96 -2.83
N THR D 7 -22.57 13.73 -3.23
CA THR D 7 -22.90 13.98 -4.64
C THR D 7 -22.17 15.24 -5.14
N TYR D 8 -21.84 15.24 -6.42
CA TYR D 8 -21.06 16.30 -7.07
C TYR D 8 -21.97 17.18 -7.94
N PRO D 9 -22.25 18.44 -7.51
CA PRO D 9 -23.12 19.31 -8.30
C PRO D 9 -22.37 19.95 -9.47
C1 GOL E . 25.36 8.31 -4.82
O1 GOL E . 26.16 7.89 -5.95
C2 GOL E . 25.47 7.32 -3.66
O2 GOL E . 24.50 7.70 -2.67
C3 GOL E . 25.26 5.87 -4.15
O3 GOL E . 24.81 4.98 -3.10
C1 BME F . -35.27 -24.16 6.63
C2 BME F . -35.71 -25.14 7.70
O1 BME F . -36.38 -23.56 5.99
S2 BME F . -36.17 -26.72 6.94
C1 GOL G . -2.63 -3.84 -7.17
O1 GOL G . -1.52 -2.93 -7.15
C2 GOL G . -3.45 -3.67 -8.46
O2 GOL G . -4.05 -2.37 -8.53
C3 GOL G . -2.54 -3.93 -9.66
O3 GOL G . -3.28 -4.02 -10.88
#